data_1A0J
#
_entry.id   1A0J
#
_cell.length_a   65.907
_cell.length_b   83.107
_cell.length_c   154.787
_cell.angle_alpha   90.00
_cell.angle_beta   90.00
_cell.angle_gamma   90.00
#
_symmetry.space_group_name_H-M   'P 21 21 21'
#
loop_
_entity.id
_entity.type
_entity.pdbx_description
1 polymer TRYPSIN
2 non-polymer 'CALCIUM ION'
3 non-polymer 'SULFATE ION'
4 non-polymer BENZAMIDINE
5 water water
#
_entity_poly.entity_id   1
_entity_poly.type   'polypeptide(L)'
_entity_poly.pdbx_seq_one_letter_code
;IVGGYECRKNSASYQASLQSGYHFCGGSLISSTWVVSAAHCYKSRIQVRLGEHNIAVNEGTEQFIDSVKVIMHPSYNSRN
LDNDIMLIKLSKPASLNSYVSTVALPSSCASSGTRCLVSGWGNLSGSSSNYPDTLRCLDLPILSSSSCNSAYPGQITSNM
FCAGFMEGGKDSCQGDSGGPVVCNGQLQGVVSWGYGCAQRNKPGVYTKVCNYRSWISSTMSSN
;
_entity_poly.pdbx_strand_id   A,B,C,D
#
loop_
_chem_comp.id
_chem_comp.type
_chem_comp.name
_chem_comp.formula
BEN non-polymer BENZAMIDINE 'C7 H8 N2'
CA non-polymer 'CALCIUM ION' 'Ca 2'
SO4 non-polymer 'SULFATE ION' 'O4 S -2'
#
# COMPACT_ATOMS: atom_id res chain seq x y z
N ILE A 1 -7.51 -13.33 6.55
CA ILE A 1 -7.54 -14.55 5.71
C ILE A 1 -8.95 -14.52 5.09
N VAL A 2 -9.08 -14.59 3.79
CA VAL A 2 -10.37 -14.59 3.09
C VAL A 2 -10.70 -16.04 2.72
N GLY A 3 -11.90 -16.56 3.03
CA GLY A 3 -12.29 -17.89 2.60
C GLY A 3 -11.66 -19.05 3.38
N GLY A 4 -11.15 -18.79 4.59
CA GLY A 4 -10.45 -19.79 5.39
C GLY A 4 -11.37 -20.34 6.46
N TYR A 5 -10.88 -20.86 7.55
CA TYR A 5 -11.71 -21.48 8.56
C TYR A 5 -11.05 -21.15 9.89
N GLU A 6 -11.73 -21.33 10.99
CA GLU A 6 -11.15 -21.09 12.28
C GLU A 6 -10.22 -22.25 12.62
N CYS A 7 -8.98 -21.90 12.90
CA CYS A 7 -7.94 -22.86 13.23
C CYS A 7 -8.36 -23.65 14.43
N ARG A 8 -7.92 -24.90 14.44
CA ARG A 8 -8.15 -25.78 15.58
C ARG A 8 -7.36 -25.23 16.75
N LYS A 9 -7.72 -25.68 17.93
CA LYS A 9 -7.18 -25.20 19.20
C LYS A 9 -5.66 -25.28 19.30
N ASN A 10 -5.20 -26.47 18.88
CA ASN A 10 -3.81 -26.87 18.94
C ASN A 10 -3.01 -26.55 17.70
N SER A 11 -3.60 -26.23 16.53
CA SER A 11 -2.78 -25.91 15.38
C SER A 11 -2.33 -24.44 15.41
N ALA A 12 -1.32 -24.20 14.60
CA ALA A 12 -0.75 -22.89 14.44
C ALA A 12 -0.25 -22.36 15.77
N SER A 13 0.26 -23.19 16.69
CA SER A 13 0.67 -22.67 17.98
C SER A 13 1.99 -21.94 17.96
N TYR A 14 2.61 -21.90 16.77
CA TYR A 14 3.79 -21.09 16.50
C TYR A 14 3.44 -19.64 16.12
N GLN A 15 2.16 -19.33 16.00
CA GLN A 15 1.70 -18.02 15.55
C GLN A 15 1.92 -16.94 16.60
N ALA A 16 2.48 -15.80 16.21
CA ALA A 16 2.66 -14.69 17.12
C ALA A 16 1.89 -13.49 16.52
N SER A 17 1.53 -12.49 17.31
CA SER A 17 0.99 -11.21 16.85
C SER A 17 2.04 -10.22 17.34
N LEU A 18 2.22 -9.16 16.57
CA LEU A 18 3.16 -8.11 16.88
C LEU A 18 2.31 -6.87 16.95
N GLN A 19 2.35 -6.16 18.06
CA GLN A 19 1.60 -4.93 18.18
C GLN A 19 2.76 -3.96 18.07
N SER A 20 2.97 -3.63 16.78
CA SER A 20 4.04 -2.77 16.34
C SER A 20 3.41 -1.39 16.25
N GLY A 21 3.24 -0.79 17.42
CA GLY A 21 2.53 0.48 17.53
C GLY A 21 1.01 0.24 17.42
N TYR A 22 0.40 0.74 16.34
CA TYR A 22 -1.01 0.48 16.05
C TYR A 22 -1.07 -0.39 14.82
N HIS A 23 0.10 -0.75 14.29
CA HIS A 23 0.19 -1.65 13.16
C HIS A 23 0.15 -2.97 13.91
N PHE A 24 -0.54 -3.90 13.29
CA PHE A 24 -0.57 -5.25 13.81
C PHE A 24 -0.08 -6.08 12.66
N CYS A 25 0.82 -7.00 12.94
CA CYS A 25 1.27 -7.94 11.94
C CYS A 25 1.25 -9.32 12.57
N GLY A 26 1.34 -10.35 11.76
CA GLY A 26 1.53 -11.71 12.25
C GLY A 26 3.03 -11.94 12.37
N GLY A 27 3.44 -13.08 12.88
CA GLY A 27 4.83 -13.45 12.94
C GLY A 27 4.89 -14.93 13.33
N SER A 28 6.04 -15.56 13.37
CA SER A 28 6.07 -16.92 13.92
C SER A 28 7.27 -17.21 14.83
N LEU A 29 7.06 -18.07 15.84
CA LEU A 29 8.09 -18.34 16.82
C LEU A 29 9.05 -19.36 16.28
N ILE A 30 10.33 -19.03 16.15
CA ILE A 30 11.27 -20.04 15.66
C ILE A 30 12.24 -20.51 16.75
N SER A 31 12.34 -19.88 17.91
CA SER A 31 13.11 -20.41 19.03
C SER A 31 12.39 -19.83 20.24
N SER A 32 12.77 -20.13 21.47
CA SER A 32 12.10 -19.51 22.60
C SER A 32 12.41 -18.01 22.68
N THR A 33 13.44 -17.46 21.97
CA THR A 33 13.70 -16.02 22.02
C THR A 33 13.68 -15.32 20.68
N TRP A 34 13.44 -15.98 19.54
CA TRP A 34 13.40 -15.27 18.27
C TRP A 34 12.10 -15.45 17.48
N VAL A 35 11.56 -14.38 16.88
CA VAL A 35 10.34 -14.39 16.06
C VAL A 35 10.73 -13.93 14.65
N VAL A 36 10.10 -14.49 13.63
CA VAL A 36 10.28 -14.06 12.25
C VAL A 36 9.01 -13.33 11.81
N SER A 37 9.13 -12.25 11.04
CA SER A 37 7.98 -11.53 10.53
C SER A 37 8.43 -10.81 9.24
N ALA A 38 7.62 -9.89 8.70
CA ALA A 38 7.94 -9.15 7.49
C ALA A 38 8.63 -7.82 7.85
N ALA A 39 9.72 -7.39 7.17
CA ALA A 39 10.39 -6.11 7.45
C ALA A 39 9.47 -4.92 7.26
N HIS A 40 8.40 -5.04 6.44
CA HIS A 40 7.50 -3.91 6.25
C HIS A 40 6.60 -3.68 7.48
N CYS A 41 6.62 -4.63 8.43
CA CYS A 41 5.92 -4.50 9.70
C CYS A 41 6.80 -3.84 10.77
N TYR A 42 8.02 -3.40 10.43
CA TYR A 42 8.98 -2.80 11.39
C TYR A 42 8.43 -1.64 12.20
N LYS A 43 8.73 -1.66 13.51
CA LYS A 43 8.56 -0.54 14.43
C LYS A 43 9.72 -0.74 15.40
N SER A 44 10.29 0.32 15.97
CA SER A 44 11.43 0.23 16.87
C SER A 44 11.13 -0.57 18.12
N ARG A 45 9.91 -0.51 18.66
CA ARG A 45 9.57 -1.34 19.82
C ARG A 45 8.30 -2.10 19.50
N ILE A 46 8.31 -3.43 19.72
CA ILE A 46 7.22 -4.31 19.36
C ILE A 46 6.79 -5.18 20.55
N GLN A 47 5.49 -5.28 20.86
CA GLN A 47 5.03 -6.24 21.84
C GLN A 47 4.57 -7.51 21.11
N VAL A 48 5.21 -8.63 21.42
CA VAL A 48 4.91 -9.91 20.82
C VAL A 48 3.91 -10.63 21.72
N ARG A 49 2.83 -11.09 21.13
CA ARG A 49 1.79 -11.76 21.86
C ARG A 49 1.84 -13.20 21.35
N LEU A 50 1.91 -14.17 22.26
CA LEU A 50 1.99 -15.58 21.92
C LEU A 50 0.89 -16.28 22.67
N GLY A 51 0.48 -17.46 22.20
CA GLY A 51 -0.50 -18.32 22.84
C GLY A 51 -1.91 -17.80 22.67
N GLU A 52 -2.18 -16.98 21.67
CA GLU A 52 -3.54 -16.52 21.48
C GLU A 52 -4.39 -17.22 20.43
N HIS A 53 -5.67 -17.42 20.74
CA HIS A 53 -6.56 -17.89 19.71
C HIS A 53 -7.55 -16.77 19.47
N ASN A 54 -8.25 -16.31 20.50
CA ASN A 54 -9.18 -15.21 20.40
C ASN A 54 -8.47 -14.00 20.99
N ILE A 55 -8.13 -13.04 20.13
CA ILE A 55 -7.40 -11.85 20.54
C ILE A 55 -8.25 -10.82 21.28
N ALA A 56 -9.58 -10.94 21.31
CA ALA A 56 -10.42 -9.97 21.99
C ALA A 56 -10.59 -10.26 23.46
N VAL A 57 -10.43 -11.50 23.94
CA VAL A 57 -10.67 -11.78 25.36
C VAL A 57 -9.49 -12.44 26.02
N ASN A 58 -9.49 -12.52 27.36
CA ASN A 58 -8.40 -13.16 28.11
C ASN A 58 -8.66 -14.65 28.07
N GLU A 59 -7.61 -15.44 27.84
CA GLU A 59 -7.78 -16.87 27.57
C GLU A 59 -7.02 -17.75 28.58
N GLY A 60 -6.07 -17.19 29.33
CA GLY A 60 -5.29 -18.01 30.25
C GLY A 60 -4.14 -18.69 29.55
N THR A 61 -3.86 -18.42 28.25
CA THR A 61 -2.75 -19.08 27.52
C THR A 61 -1.71 -18.13 26.94
N GLU A 62 -1.86 -16.82 27.15
CA GLU A 62 -1.05 -15.80 26.50
C GLU A 62 0.26 -15.53 27.19
N GLN A 63 1.28 -15.22 26.40
CA GLN A 63 2.53 -14.70 26.93
C GLN A 63 2.77 -13.39 26.13
N PHE A 64 2.88 -12.25 26.81
CA PHE A 64 3.12 -10.95 26.14
C PHE A 64 4.58 -10.63 26.37
N ILE A 65 5.45 -10.59 25.38
CA ILE A 65 6.87 -10.34 25.63
C ILE A 65 7.31 -9.18 24.74
N ASP A 66 8.02 -8.20 25.32
CA ASP A 66 8.56 -7.07 24.56
C ASP A 66 9.80 -7.45 23.78
N SER A 67 9.99 -6.87 22.62
CA SER A 67 11.20 -7.06 21.85
C SER A 67 12.41 -6.43 22.56
N VAL A 68 13.63 -6.92 22.36
CA VAL A 68 14.80 -6.20 22.79
C VAL A 68 15.61 -5.79 21.53
N LYS A 69 15.53 -6.54 20.42
CA LYS A 69 16.22 -6.20 19.19
C LYS A 69 15.28 -6.38 18.04
N VAL A 70 15.27 -5.59 16.99
CA VAL A 70 14.38 -5.75 15.84
C VAL A 70 15.37 -5.60 14.69
N ILE A 71 15.54 -6.62 13.86
CA ILE A 71 16.58 -6.64 12.84
C ILE A 71 15.96 -6.88 11.47
N MET A 72 15.84 -5.86 10.63
CA MET A 72 15.30 -6.06 9.30
C MET A 72 16.38 -6.68 8.43
N HIS A 73 16.03 -7.40 7.36
CA HIS A 73 17.04 -7.95 6.47
C HIS A 73 17.90 -6.78 5.97
N PRO A 74 19.26 -6.84 5.88
CA PRO A 74 20.13 -5.75 5.42
C PRO A 74 19.78 -5.19 4.06
N SER A 75 19.18 -5.99 3.16
CA SER A 75 18.80 -5.50 1.84
C SER A 75 17.32 -5.36 1.51
N TYR A 76 16.54 -5.27 2.57
CA TYR A 76 15.13 -5.04 2.42
C TYR A 76 14.94 -3.78 1.57
N ASN A 77 14.06 -3.88 0.59
CA ASN A 77 13.77 -2.78 -0.31
C ASN A 77 12.30 -2.40 -0.09
N SER A 78 12.02 -1.26 0.54
CA SER A 78 10.64 -0.86 0.83
C SER A 78 9.84 -0.51 -0.41
N ARG A 79 10.49 -0.21 -1.54
CA ARG A 79 9.80 0.19 -2.74
C ARG A 79 9.13 -0.99 -3.44
N ASN A 80 9.79 -2.16 -3.49
CA ASN A 80 9.19 -3.31 -4.14
C ASN A 80 9.01 -4.50 -3.21
N LEU A 81 9.30 -4.32 -1.91
CA LEU A 81 9.24 -5.32 -0.86
C LEU A 81 10.12 -6.55 -1.08
N ASP A 82 11.26 -6.36 -1.76
CA ASP A 82 12.21 -7.43 -1.90
C ASP A 82 12.88 -7.61 -0.53
N ASN A 83 13.10 -8.87 -0.17
CA ASN A 83 13.73 -9.25 1.11
C ASN A 83 12.88 -8.79 2.27
N ASP A 84 11.60 -9.07 2.18
CA ASP A 84 10.70 -8.64 3.23
C ASP A 84 10.65 -9.65 4.37
N ILE A 85 11.67 -9.57 5.20
CA ILE A 85 11.83 -10.45 6.36
C ILE A 85 12.57 -9.69 7.47
N MET A 86 12.27 -10.00 8.73
CA MET A 86 12.77 -9.30 9.90
C MET A 86 12.83 -10.32 11.00
N LEU A 87 13.81 -10.23 11.89
CA LEU A 87 13.93 -11.07 13.05
C LEU A 87 13.72 -10.22 14.27
N ILE A 88 12.99 -10.68 15.28
CA ILE A 88 12.75 -9.94 16.50
C ILE A 88 13.27 -10.76 17.68
N LYS A 89 14.14 -10.25 18.55
CA LYS A 89 14.63 -10.99 19.69
C LYS A 89 13.76 -10.57 20.85
N LEU A 90 13.25 -11.53 21.61
CA LEU A 90 12.38 -11.31 22.74
C LEU A 90 13.26 -10.95 23.92
N SER A 91 12.77 -10.09 24.82
CA SER A 91 13.56 -9.68 25.96
C SER A 91 13.77 -10.76 27.00
N LYS A 92 13.04 -11.89 26.92
CA LYS A 92 13.13 -13.04 27.82
C LYS A 92 12.58 -14.21 27.01
N PRO A 93 12.96 -15.46 27.27
CA PRO A 93 12.37 -16.61 26.60
C PRO A 93 10.88 -16.86 26.89
N ALA A 94 10.17 -17.34 25.88
CA ALA A 94 8.80 -17.78 26.02
C ALA A 94 8.81 -19.16 26.68
N SER A 95 7.79 -19.56 27.42
CA SER A 95 7.71 -20.89 27.97
C SER A 95 6.97 -21.66 26.91
N LEU A 96 7.57 -22.70 26.36
CA LEU A 96 6.89 -23.47 25.32
C LEU A 96 5.96 -24.50 25.95
N ASN A 97 4.80 -24.74 25.37
CA ASN A 97 3.82 -25.67 25.87
C ASN A 97 2.86 -26.00 24.74
N SER A 98 1.65 -26.54 24.97
CA SER A 98 0.74 -26.90 23.88
C SER A 98 0.26 -25.71 23.05
N TYR A 99 0.23 -24.54 23.68
CA TYR A 99 -0.24 -23.32 23.09
C TYR A 99 0.85 -22.46 22.49
N VAL A 100 2.10 -22.70 22.85
CA VAL A 100 3.16 -21.86 22.35
C VAL A 100 4.22 -22.84 21.90
N SER A 101 4.48 -22.98 20.61
CA SER A 101 5.53 -23.86 20.13
C SER A 101 6.34 -23.19 18.99
N THR A 102 7.47 -23.76 18.61
CA THR A 102 8.28 -23.24 17.53
C THR A 102 7.95 -23.99 16.25
N VAL A 103 8.30 -23.36 15.14
CA VAL A 103 8.17 -23.97 13.84
C VAL A 103 9.60 -24.16 13.31
N ALA A 104 9.86 -25.23 12.57
CA ALA A 104 11.18 -25.46 12.02
C ALA A 104 11.46 -24.59 10.83
N LEU A 105 12.72 -24.20 10.70
CA LEU A 105 13.15 -23.47 9.53
C LEU A 105 13.28 -24.44 8.34
N PRO A 106 13.19 -24.05 7.06
CA PRO A 106 13.16 -24.99 5.94
C PRO A 106 14.48 -25.70 5.69
N SER A 107 14.53 -27.00 5.41
CA SER A 107 15.79 -27.65 5.08
C SER A 107 16.03 -27.42 3.59
N SER A 108 14.99 -27.16 2.80
CA SER A 108 15.09 -26.92 1.38
C SER A 108 13.90 -26.06 0.99
N CYS A 109 13.87 -25.52 -0.21
CA CYS A 109 12.77 -24.72 -0.74
C CYS A 109 11.66 -25.68 -1.14
N ALA A 110 10.38 -25.39 -0.94
CA ALA A 110 9.31 -26.29 -1.34
C ALA A 110 9.01 -26.09 -2.82
N SER A 111 8.58 -27.14 -3.51
CA SER A 111 8.28 -27.09 -4.94
C SER A 111 6.84 -26.65 -5.20
N SER A 112 6.49 -26.26 -6.43
CA SER A 112 5.12 -25.96 -6.80
C SER A 112 4.28 -27.17 -6.46
N GLY A 113 3.07 -26.87 -6.05
CA GLY A 113 2.12 -27.87 -5.69
C GLY A 113 2.22 -28.35 -4.25
N THR A 114 3.27 -28.03 -3.48
CA THR A 114 3.27 -28.36 -2.05
C THR A 114 2.07 -27.68 -1.36
N ARG A 115 1.35 -28.38 -0.48
CA ARG A 115 0.22 -27.82 0.22
C ARG A 115 0.75 -27.28 1.54
N CYS A 116 0.30 -26.08 1.86
CA CYS A 116 0.78 -25.38 3.02
C CYS A 116 -0.42 -24.82 3.77
N LEU A 117 -0.16 -24.25 4.96
CA LEU A 117 -1.14 -23.62 5.81
C LEU A 117 -0.73 -22.18 6.12
N VAL A 118 -1.57 -21.18 5.86
CA VAL A 118 -1.24 -19.80 6.24
C VAL A 118 -2.27 -19.44 7.29
N SER A 119 -1.96 -18.57 8.23
CA SER A 119 -2.84 -18.29 9.34
C SER A 119 -2.70 -16.84 9.74
N GLY A 120 -3.71 -16.23 10.35
CA GLY A 120 -3.56 -14.84 10.81
C GLY A 120 -4.91 -14.25 11.20
N TRP A 121 -4.84 -13.06 11.79
CA TRP A 121 -6.02 -12.32 12.22
C TRP A 121 -6.28 -11.14 11.28
N GLY A 122 -5.79 -11.21 10.02
CA GLY A 122 -6.05 -10.17 9.04
C GLY A 122 -7.47 -10.17 8.50
N ASN A 123 -7.70 -9.28 7.55
CA ASN A 123 -9.01 -9.07 6.99
C ASN A 123 -9.64 -10.31 6.34
N LEU A 124 -10.91 -10.53 6.68
CA LEU A 124 -11.75 -11.62 6.17
C LEU A 124 -12.38 -11.37 4.82
N SER A 125 -12.28 -10.14 4.31
CA SER A 125 -12.99 -9.73 3.12
C SER A 125 -12.08 -9.06 2.11
N GLY A 126 -12.27 -9.33 0.82
CA GLY A 126 -11.59 -8.56 -0.19
C GLY A 126 -12.42 -7.34 -0.61
N SER A 127 -13.60 -7.07 -0.06
CA SER A 127 -14.39 -5.92 -0.47
C SER A 127 -14.84 -5.04 0.68
N SER A 128 -14.34 -5.26 1.91
CA SER A 128 -14.69 -4.41 3.05
C SER A 128 -13.63 -4.66 4.11
N SER A 129 -13.73 -3.96 5.23
CA SER A 129 -12.84 -4.17 6.37
C SER A 129 -13.62 -5.02 7.35
N ASN A 130 -13.30 -6.30 7.50
CA ASN A 130 -13.95 -7.13 8.50
C ASN A 130 -12.85 -7.93 9.16
N TYR A 131 -12.46 -7.61 10.40
CA TYR A 131 -11.36 -8.29 11.04
C TYR A 131 -11.86 -9.30 12.05
N PRO A 132 -11.26 -10.46 12.18
CA PRO A 132 -11.71 -11.50 13.08
C PRO A 132 -11.20 -11.33 14.50
N ASP A 133 -11.88 -12.01 15.41
CA ASP A 133 -11.39 -12.14 16.76
C ASP A 133 -10.64 -13.45 16.83
N THR A 134 -11.03 -14.50 16.10
CA THR A 134 -10.33 -15.77 16.23
C THR A 134 -9.43 -16.02 15.04
N LEU A 135 -8.31 -16.67 15.36
CA LEU A 135 -7.32 -17.03 14.36
C LEU A 135 -7.87 -17.86 13.20
N ARG A 136 -7.59 -17.39 11.99
CA ARG A 136 -8.05 -18.08 10.81
C ARG A 136 -6.93 -18.83 10.11
N CYS A 137 -7.32 -19.92 9.45
CA CYS A 137 -6.40 -20.84 8.81
C CYS A 137 -6.88 -21.05 7.38
N LEU A 138 -5.95 -21.30 6.46
CA LEU A 138 -6.28 -21.56 5.08
C LEU A 138 -5.24 -22.51 4.53
N ASP A 139 -5.72 -23.57 3.87
CA ASP A 139 -4.83 -24.51 3.19
C ASP A 139 -4.66 -24.02 1.76
N LEU A 140 -3.43 -23.93 1.27
CA LEU A 140 -3.19 -23.39 -0.06
C LEU A 140 -1.95 -24.03 -0.68
N PRO A 141 -1.89 -24.15 -2.00
CA PRO A 141 -0.71 -24.61 -2.70
C PRO A 141 0.27 -23.51 -3.14
N ILE A 142 1.56 -23.86 -3.19
CA ILE A 142 2.59 -23.01 -3.80
C ILE A 142 2.35 -23.05 -5.32
N LEU A 143 2.32 -21.92 -6.03
CA LEU A 143 2.06 -21.87 -7.44
C LEU A 143 3.35 -21.88 -8.26
N SER A 144 3.27 -22.19 -9.54
CA SER A 144 4.43 -22.17 -10.40
C SER A 144 5.00 -20.78 -10.58
N SER A 145 6.29 -20.67 -10.86
CA SER A 145 6.90 -19.38 -11.16
C SER A 145 6.20 -18.69 -12.34
N SER A 146 5.82 -19.44 -13.38
CA SER A 146 5.11 -18.83 -14.49
C SER A 146 3.77 -18.26 -14.09
N SER A 147 2.99 -18.92 -13.22
CA SER A 147 1.73 -18.34 -12.82
C SER A 147 1.97 -17.05 -12.04
N CYS A 148 2.98 -17.06 -11.19
CA CYS A 148 3.27 -15.93 -10.32
C CYS A 148 3.69 -14.72 -11.13
N ASN A 149 4.54 -14.99 -12.11
CA ASN A 149 5.05 -13.95 -12.97
C ASN A 149 4.00 -13.46 -13.91
N SER A 150 3.06 -14.28 -14.35
CA SER A 150 2.00 -13.75 -15.18
C SER A 150 0.99 -13.00 -14.31
N ALA A 151 0.83 -13.35 -13.02
CA ALA A 151 -0.07 -12.61 -12.16
C ALA A 151 0.54 -11.23 -11.84
N TYR A 152 1.85 -11.12 -11.67
CA TYR A 152 2.48 -9.86 -11.30
C TYR A 152 3.64 -9.49 -12.23
N PRO A 153 3.41 -9.16 -13.50
CA PRO A 153 4.49 -8.90 -14.44
C PRO A 153 5.44 -7.78 -14.03
N GLY A 154 6.71 -8.14 -13.99
CA GLY A 154 7.77 -7.21 -13.69
C GLY A 154 7.97 -6.98 -12.20
N GLN A 155 7.23 -7.67 -11.33
CA GLN A 155 7.33 -7.36 -9.91
C GLN A 155 7.87 -8.48 -9.01
N ILE A 156 7.98 -9.71 -9.51
CA ILE A 156 8.34 -10.84 -8.67
C ILE A 156 9.82 -11.05 -8.65
N THR A 157 10.51 -11.02 -7.51
CA THR A 157 11.94 -11.29 -7.52
C THR A 157 12.17 -12.75 -7.16
N SER A 158 13.41 -13.25 -7.18
CA SER A 158 13.72 -14.62 -6.76
C SER A 158 13.54 -14.83 -5.27
N ASN A 159 13.24 -13.79 -4.52
CA ASN A 159 13.05 -13.92 -3.09
C ASN A 159 11.57 -13.95 -2.77
N MET A 160 10.71 -14.14 -3.77
CA MET A 160 9.28 -14.14 -3.53
C MET A 160 8.66 -15.38 -4.16
N PHE A 161 7.52 -15.88 -3.69
CA PHE A 161 6.77 -16.91 -4.40
C PHE A 161 5.27 -16.62 -4.22
N CYS A 162 4.44 -17.12 -5.10
CA CYS A 162 3.01 -16.93 -5.03
C CYS A 162 2.42 -18.22 -4.52
N ALA A 163 1.35 -18.13 -3.74
CA ALA A 163 0.69 -19.31 -3.22
C ALA A 163 -0.76 -18.91 -3.17
N GLY A 164 -1.63 -19.87 -3.46
CA GLY A 164 -3.03 -19.56 -3.38
C GLY A 164 -3.75 -20.15 -4.58
N PHE A 165 -4.73 -19.39 -5.07
CA PHE A 165 -5.64 -19.86 -6.10
C PHE A 165 -5.75 -18.80 -7.18
N MET A 166 -5.38 -19.14 -8.42
CA MET A 166 -5.49 -18.19 -9.51
C MET A 166 -6.92 -17.78 -9.77
N GLU A 167 -7.86 -18.61 -9.33
CA GLU A 167 -9.30 -18.38 -9.41
C GLU A 167 -9.80 -17.35 -8.43
N GLY A 168 -9.00 -16.98 -7.44
CA GLY A 168 -9.49 -16.12 -6.39
C GLY A 168 -10.36 -16.88 -5.40
N GLY A 169 -11.08 -16.13 -4.56
CA GLY A 169 -11.97 -16.70 -3.56
C GLY A 169 -11.32 -17.03 -2.21
N LYS A 170 -10.02 -17.36 -2.14
CA LYS A 170 -9.38 -17.72 -0.88
C LYS A 170 -7.99 -17.09 -0.94
N ASP A 171 -7.56 -16.39 0.11
CA ASP A 171 -6.26 -15.72 0.07
C ASP A 171 -5.92 -15.22 1.46
N SER A 172 -4.66 -14.79 1.70
CA SER A 172 -4.39 -14.04 2.90
C SER A 172 -4.78 -12.57 2.60
N CYS A 173 -4.67 -11.59 3.50
CA CYS A 173 -5.18 -10.27 3.23
C CYS A 173 -4.51 -9.30 4.19
N GLN A 174 -4.87 -8.03 4.17
CA GLN A 174 -4.25 -7.02 5.01
C GLN A 174 -4.37 -7.45 6.46
N GLY A 175 -3.29 -7.28 7.20
CA GLY A 175 -3.25 -7.66 8.59
C GLY A 175 -2.67 -9.05 8.77
N ASP A 176 -2.60 -9.89 7.71
CA ASP A 176 -1.95 -11.19 7.80
C ASP A 176 -0.46 -11.07 7.61
N SER A 177 0.01 -9.93 7.09
CA SER A 177 1.42 -9.70 6.85
C SER A 177 2.30 -10.05 8.03
N GLY A 178 3.40 -10.71 7.67
CA GLY A 178 4.40 -11.15 8.60
C GLY A 178 4.10 -12.54 9.09
N GLY A 179 2.88 -13.04 8.87
CA GLY A 179 2.46 -14.33 9.38
C GLY A 179 3.02 -15.52 8.61
N PRO A 180 2.85 -16.73 9.15
CA PRO A 180 3.47 -17.96 8.66
C PRO A 180 2.83 -18.72 7.50
N VAL A 181 3.62 -19.17 6.51
CA VAL A 181 3.16 -20.18 5.53
C VAL A 181 4.03 -21.42 5.86
N VAL A 182 3.39 -22.47 6.38
CA VAL A 182 4.08 -23.65 6.89
C VAL A 182 3.69 -24.83 6.02
N CYS A 183 4.68 -25.52 5.48
CA CYS A 183 4.42 -26.61 4.59
C CYS A 183 5.16 -27.79 5.20
N ASN A 184 4.44 -28.87 5.52
CA ASN A 184 5.02 -30.05 6.18
C ASN A 184 5.94 -29.73 7.36
N GLY A 185 5.42 -28.91 8.30
CA GLY A 185 6.12 -28.54 9.52
C GLY A 185 7.30 -27.60 9.34
N GLN A 186 7.55 -27.00 8.19
CA GLN A 186 8.66 -26.09 8.05
C GLN A 186 8.10 -24.76 7.56
N LEU A 187 8.66 -23.64 8.06
CA LEU A 187 8.28 -22.31 7.69
C LEU A 187 8.85 -22.03 6.31
N GLN A 188 8.02 -21.97 5.27
CA GLN A 188 8.44 -21.68 3.92
C GLN A 188 8.16 -20.25 3.47
N GLY A 189 7.18 -19.53 4.00
CA GLY A 189 6.90 -18.19 3.54
C GLY A 189 6.49 -17.29 4.68
N VAL A 190 6.56 -15.99 4.40
CA VAL A 190 6.15 -14.97 5.33
C VAL A 190 5.15 -14.23 4.46
N VAL A 191 3.95 -13.94 4.95
CA VAL A 191 2.98 -13.16 4.20
C VAL A 191 3.58 -11.77 3.87
N SER A 192 3.65 -11.38 2.61
CA SER A 192 4.26 -10.11 2.29
C SER A 192 3.32 -9.13 1.57
N TRP A 193 2.77 -9.41 0.38
CA TRP A 193 1.92 -8.47 -0.35
C TRP A 193 1.01 -9.14 -1.36
N GLY A 194 0.22 -8.36 -2.09
CA GLY A 194 -0.69 -8.84 -3.11
C GLY A 194 -1.50 -7.64 -3.56
N TYR A 195 -2.21 -7.71 -4.67
CA TYR A 195 -3.07 -6.62 -5.08
C TYR A 195 -4.47 -7.05 -4.71
N GLY A 196 -5.13 -6.27 -3.87
CA GLY A 196 -6.45 -6.66 -3.35
C GLY A 196 -6.31 -7.92 -2.50
N CYS A 197 -7.40 -8.65 -2.30
CA CYS A 197 -7.34 -9.93 -1.64
C CYS A 197 -8.37 -10.83 -2.30
N ALA A 198 -7.97 -12.07 -2.58
CA ALA A 198 -8.80 -13.12 -3.16
C ALA A 198 -9.38 -12.79 -4.54
N GLN A 199 -8.73 -11.92 -5.28
CA GLN A 199 -9.14 -11.60 -6.64
C GLN A 199 -8.54 -12.62 -7.63
N ARG A 200 -9.23 -12.82 -8.74
CA ARG A 200 -8.74 -13.68 -9.83
C ARG A 200 -7.42 -13.12 -10.38
N ASN A 201 -6.49 -14.03 -10.55
CA ASN A 201 -5.16 -13.79 -11.09
C ASN A 201 -4.31 -12.85 -10.28
N LYS A 202 -4.61 -12.73 -9.01
CA LYS A 202 -3.82 -11.93 -8.09
C LYS A 202 -3.72 -12.76 -6.78
N PRO A 203 -2.95 -13.88 -6.74
CA PRO A 203 -2.64 -14.65 -5.54
C PRO A 203 -1.74 -13.93 -4.54
N GLY A 204 -1.56 -14.37 -3.30
CA GLY A 204 -0.65 -13.68 -2.41
C GLY A 204 0.77 -13.96 -2.82
N VAL A 205 1.64 -13.01 -2.51
CA VAL A 205 3.08 -13.11 -2.74
C VAL A 205 3.67 -13.18 -1.33
N TYR A 206 4.63 -14.09 -1.22
CA TYR A 206 5.21 -14.47 0.05
C TYR A 206 6.70 -14.39 -0.04
N THR A 207 7.34 -14.00 1.06
CA THR A 207 8.78 -14.00 1.17
C THR A 207 9.29 -15.45 1.17
N LYS A 208 10.30 -15.77 0.34
CA LYS A 208 10.84 -17.13 0.21
C LYS A 208 11.86 -17.40 1.30
N VAL A 209 11.42 -17.91 2.44
CA VAL A 209 12.27 -18.07 3.61
C VAL A 209 13.46 -18.98 3.36
N CYS A 210 13.35 -19.98 2.47
CA CYS A 210 14.47 -20.91 2.27
C CYS A 210 15.68 -20.20 1.68
N ASN A 211 15.51 -18.98 1.14
CA ASN A 211 16.63 -18.16 0.71
C ASN A 211 17.42 -17.52 1.84
N TYR A 212 16.92 -17.52 3.08
CA TYR A 212 17.49 -16.79 4.20
C TYR A 212 17.97 -17.66 5.33
N ARG A 213 18.14 -18.95 5.09
CA ARG A 213 18.52 -19.82 6.18
C ARG A 213 19.85 -19.42 6.79
N SER A 214 20.87 -19.05 6.03
CA SER A 214 22.14 -18.71 6.67
C SER A 214 22.10 -17.35 7.32
N TRP A 215 21.32 -16.40 6.78
CA TRP A 215 21.20 -15.10 7.40
C TRP A 215 20.54 -15.27 8.77
N ILE A 216 19.48 -16.06 8.84
CA ILE A 216 18.77 -16.25 10.09
C ILE A 216 19.73 -16.89 11.08
N SER A 217 20.46 -17.95 10.73
CA SER A 217 21.41 -18.56 11.64
C SER A 217 22.51 -17.62 12.14
N SER A 218 23.15 -16.90 11.22
CA SER A 218 24.17 -15.93 11.57
C SER A 218 23.62 -14.82 12.44
N THR A 219 22.42 -14.32 12.15
CA THR A 219 21.90 -13.24 12.95
C THR A 219 21.62 -13.69 14.36
N MET A 220 21.08 -14.89 14.50
CA MET A 220 20.73 -15.43 15.80
C MET A 220 21.97 -15.71 16.61
N SER A 221 23.10 -16.04 15.97
CA SER A 221 24.36 -16.29 16.66
C SER A 221 25.10 -15.03 17.10
N SER A 222 25.03 -14.00 16.27
CA SER A 222 25.67 -12.75 16.58
C SER A 222 24.82 -11.82 17.42
N ASN A 223 23.59 -12.13 17.85
CA ASN A 223 22.79 -11.12 18.54
C ASN A 223 22.08 -11.64 19.78
N ILE B 1 24.65 23.75 9.07
CA ILE B 1 25.51 24.09 10.19
C ILE B 1 25.16 25.56 10.42
N VAL B 2 24.84 26.01 11.63
CA VAL B 2 24.58 27.41 11.91
C VAL B 2 25.85 27.97 12.54
N GLY B 3 26.38 29.03 11.94
CA GLY B 3 27.53 29.74 12.49
C GLY B 3 28.90 29.13 12.22
N GLY B 4 29.03 28.31 11.18
CA GLY B 4 30.29 27.67 10.86
C GLY B 4 31.00 28.44 9.76
N TYR B 5 31.85 27.77 9.02
CA TYR B 5 32.65 28.36 7.97
C TYR B 5 32.75 27.34 6.84
N GLU B 6 33.10 27.68 5.60
CA GLU B 6 33.27 26.68 4.56
C GLU B 6 34.53 25.88 4.87
N CYS B 7 34.45 24.55 4.88
CA CYS B 7 35.57 23.69 5.22
C CYS B 7 36.71 23.89 4.25
N ARG B 8 37.95 23.86 4.75
CA ARG B 8 39.12 23.92 3.87
C ARG B 8 39.11 22.68 2.94
N LYS B 9 39.76 22.69 1.75
CA LYS B 9 39.72 21.56 0.81
C LYS B 9 40.08 20.16 1.33
N ASN B 10 41.11 19.98 2.18
CA ASN B 10 41.43 18.66 2.72
C ASN B 10 40.57 18.30 3.92
N SER B 11 40.04 19.31 4.62
CA SER B 11 39.17 19.09 5.76
C SER B 11 37.98 18.27 5.32
N ALA B 12 37.60 17.43 6.28
CA ALA B 12 36.45 16.57 6.18
C ALA B 12 36.42 15.76 4.88
N SER B 13 37.53 15.13 4.52
CA SER B 13 37.50 14.30 3.34
C SER B 13 36.85 12.93 3.62
N TYR B 14 36.55 12.64 4.87
CA TYR B 14 35.77 11.46 5.24
C TYR B 14 34.25 11.72 5.11
N GLN B 15 33.83 12.95 4.81
CA GLN B 15 32.41 13.29 4.72
C GLN B 15 31.70 12.63 3.55
N ALA B 16 30.53 12.06 3.82
CA ALA B 16 29.68 11.48 2.81
C ALA B 16 28.36 12.26 2.73
N SER B 17 27.73 12.38 1.56
CA SER B 17 26.37 12.86 1.45
C SER B 17 25.47 11.64 1.18
N LEU B 18 24.37 11.42 1.88
CA LEU B 18 23.47 10.32 1.57
C LEU B 18 22.36 10.94 0.74
N GLN B 19 22.08 10.32 -0.41
CA GLN B 19 21.15 10.88 -1.39
C GLN B 19 20.14 9.90 -1.93
N SER B 20 19.00 10.45 -2.26
CA SER B 20 17.91 9.71 -2.86
C SER B 20 17.31 10.82 -3.72
N GLY B 21 17.98 11.09 -4.85
CA GLY B 21 17.65 12.24 -5.68
C GLY B 21 18.39 13.41 -5.06
N TYR B 22 17.82 13.88 -3.95
CA TYR B 22 18.38 14.96 -3.16
C TYR B 22 19.25 14.46 -2.00
N HIS B 23 20.14 15.30 -1.47
CA HIS B 23 20.87 15.06 -0.23
C HIS B 23 19.85 15.06 0.88
N PHE B 24 19.86 14.09 1.80
CA PHE B 24 18.95 14.13 2.94
C PHE B 24 19.65 13.92 4.27
N CYS B 25 20.88 13.43 4.29
CA CYS B 25 21.61 13.23 5.55
C CYS B 25 23.09 13.16 5.23
N GLY B 26 23.92 13.30 6.25
CA GLY B 26 25.36 13.18 6.07
C GLY B 26 25.77 11.79 6.55
N GLY B 27 27.06 11.49 6.48
CA GLY B 27 27.60 10.23 6.97
C GLY B 27 29.09 10.34 6.88
N SER B 28 29.81 9.32 7.30
CA SER B 28 31.25 9.33 7.18
C SER B 28 31.84 7.97 6.87
N LEU B 29 32.86 8.01 6.01
CA LEU B 29 33.55 6.83 5.52
C LEU B 29 34.46 6.24 6.57
N ILE B 30 34.20 5.01 7.04
CA ILE B 30 35.09 4.46 8.03
C ILE B 30 35.99 3.34 7.47
N SER B 31 35.79 2.92 6.24
CA SER B 31 36.66 1.99 5.56
C SER B 31 36.25 2.14 4.11
N SER B 32 36.92 1.55 3.14
CA SER B 32 36.56 1.74 1.74
C SER B 32 35.19 1.17 1.37
N THR B 33 34.56 0.32 2.18
CA THR B 33 33.22 -0.13 1.85
C THR B 33 32.19 0.14 2.94
N TRP B 34 32.51 0.80 4.06
CA TRP B 34 31.49 1.07 5.08
C TRP B 34 31.37 2.54 5.46
N VAL B 35 30.14 3.00 5.67
CA VAL B 35 29.79 4.38 6.03
C VAL B 35 28.98 4.35 7.33
N VAL B 36 29.17 5.23 8.33
CA VAL B 36 28.24 5.25 9.47
C VAL B 36 27.44 6.54 9.36
N SER B 37 26.18 6.43 9.72
CA SER B 37 25.29 7.55 9.72
C SER B 37 24.39 7.30 10.91
N ALA B 38 23.26 8.02 10.93
CA ALA B 38 22.29 7.94 11.97
C ALA B 38 21.14 7.02 11.52
N ALA B 39 20.65 6.12 12.37
CA ALA B 39 19.50 5.26 12.06
C ALA B 39 18.21 6.02 11.68
N HIS B 40 17.99 7.25 12.18
CA HIS B 40 16.79 7.99 11.82
C HIS B 40 16.88 8.47 10.38
N CYS B 41 18.06 8.37 9.73
CA CYS B 41 18.22 8.72 8.33
C CYS B 41 17.95 7.50 7.47
N TYR B 42 17.50 6.36 7.99
CA TYR B 42 17.27 5.17 7.17
C TYR B 42 16.42 5.39 5.92
N LYS B 43 16.88 4.85 4.78
CA LYS B 43 16.09 4.70 3.55
C LYS B 43 16.55 3.35 3.04
N SER B 44 15.75 2.51 2.37
CA SER B 44 16.28 1.19 2.08
C SER B 44 17.26 1.15 0.93
N ARG B 45 17.32 2.20 0.11
CA ARG B 45 18.31 2.27 -0.95
C ARG B 45 18.90 3.68 -0.94
N ILE B 46 20.20 3.76 -0.72
CA ILE B 46 20.87 5.05 -0.58
C ILE B 46 22.01 5.20 -1.59
N GLN B 47 22.19 6.36 -2.25
CA GLN B 47 23.38 6.58 -3.05
C GLN B 47 24.32 7.45 -2.19
N VAL B 48 25.54 6.98 -2.00
CA VAL B 48 26.53 7.68 -1.22
C VAL B 48 27.41 8.46 -2.18
N ARG B 49 27.51 9.74 -1.91
CA ARG B 49 28.29 10.63 -2.72
C ARG B 49 29.47 11.05 -1.83
N LEU B 50 30.68 10.86 -2.34
CA LEU B 50 31.90 11.12 -1.62
C LEU B 50 32.77 12.03 -2.46
N GLY B 51 33.78 12.66 -1.85
CA GLY B 51 34.82 13.36 -2.58
C GLY B 51 34.60 14.79 -3.03
N GLU B 52 33.50 15.49 -2.90
CA GLU B 52 33.46 16.86 -3.41
C GLU B 52 32.81 17.73 -2.36
N HIS B 53 33.35 18.93 -2.07
CA HIS B 53 32.74 19.78 -1.05
C HIS B 53 31.54 20.57 -1.57
N ASN B 54 31.44 20.81 -2.89
CA ASN B 54 30.28 21.48 -3.45
C ASN B 54 29.33 20.43 -3.98
N ILE B 55 28.26 20.23 -3.25
CA ILE B 55 27.24 19.25 -3.54
C ILE B 55 26.53 19.48 -4.88
N ALA B 56 26.59 20.68 -5.44
CA ALA B 56 25.87 20.95 -6.67
C ALA B 56 26.70 20.93 -7.94
N VAL B 57 28.02 20.80 -7.81
CA VAL B 57 28.91 20.92 -8.96
C VAL B 57 29.57 19.58 -9.15
N ASN B 58 29.48 19.06 -10.36
CA ASN B 58 30.16 17.83 -10.70
C ASN B 58 31.61 18.12 -11.09
N GLU B 59 32.34 18.93 -10.31
CA GLU B 59 33.67 19.41 -10.70
C GLU B 59 34.76 18.36 -10.92
N GLY B 60 34.73 17.18 -10.31
CA GLY B 60 35.77 16.21 -10.63
C GLY B 60 36.00 15.12 -9.60
N THR B 61 36.41 15.49 -8.40
CA THR B 61 36.80 14.59 -7.31
C THR B 61 35.81 13.53 -6.77
N GLU B 62 34.56 13.61 -7.25
CA GLU B 62 33.43 12.88 -6.73
C GLU B 62 33.28 11.38 -7.05
N GLN B 63 32.95 10.58 -6.03
CA GLN B 63 32.68 9.16 -6.19
C GLN B 63 31.23 8.97 -5.78
N PHE B 64 30.37 8.38 -6.61
CA PHE B 64 28.99 8.14 -6.27
C PHE B 64 28.82 6.63 -6.21
N ILE B 65 28.59 6.03 -5.04
CA ILE B 65 28.49 4.60 -4.88
C ILE B 65 27.16 4.23 -4.26
N ASP B 66 26.47 3.22 -4.77
CA ASP B 66 25.20 2.79 -4.20
C ASP B 66 25.39 1.83 -3.03
N SER B 67 24.45 1.87 -2.10
CA SER B 67 24.46 0.99 -0.96
C SER B 67 24.04 -0.39 -1.42
N VAL B 68 24.54 -1.41 -0.74
CA VAL B 68 24.14 -2.78 -0.95
C VAL B 68 23.49 -3.33 0.33
N LYS B 69 23.86 -2.83 1.51
CA LYS B 69 23.25 -3.24 2.77
C LYS B 69 23.05 -1.97 3.59
N VAL B 70 21.96 -1.83 4.35
CA VAL B 70 21.73 -0.69 5.24
C VAL B 70 21.29 -1.35 6.55
N ILE B 71 22.09 -1.14 7.60
CA ILE B 71 21.90 -1.85 8.87
C ILE B 71 21.74 -0.87 10.00
N MET B 72 20.52 -0.71 10.46
CA MET B 72 20.29 0.12 11.64
C MET B 72 20.76 -0.61 12.88
N HIS B 73 21.17 0.08 13.93
CA HIS B 73 21.48 -0.55 15.19
C HIS B 73 20.28 -1.42 15.60
N PRO B 74 20.40 -2.68 16.05
CA PRO B 74 19.24 -3.50 16.40
C PRO B 74 18.31 -2.96 17.49
N SER B 75 18.78 -2.14 18.43
CA SER B 75 17.92 -1.58 19.46
C SER B 75 17.64 -0.10 19.33
N TYR B 76 17.76 0.43 18.10
CA TYR B 76 17.40 1.82 17.81
C TYR B 76 15.96 2.06 18.23
N ASN B 77 15.77 3.15 18.95
CA ASN B 77 14.44 3.53 19.37
C ASN B 77 14.01 4.82 18.69
N SER B 78 13.11 4.82 17.72
CA SER B 78 12.70 6.03 17.03
C SER B 78 12.01 7.04 17.93
N ARG B 79 11.49 6.58 19.08
CA ARG B 79 10.80 7.46 19.99
C ARG B 79 11.71 8.49 20.63
N ASN B 80 12.80 8.04 21.25
CA ASN B 80 13.70 8.96 21.93
C ASN B 80 15.05 9.10 21.26
N LEU B 81 15.19 8.44 20.10
CA LEU B 81 16.40 8.37 19.28
C LEU B 81 17.58 7.74 19.97
N ASP B 82 17.34 6.81 20.88
CA ASP B 82 18.42 6.11 21.53
C ASP B 82 18.97 5.13 20.50
N ASN B 83 20.31 5.02 20.50
CA ASN B 83 21.05 4.12 19.61
C ASN B 83 20.82 4.54 18.17
N ASP B 84 20.92 5.85 17.98
CA ASP B 84 20.72 6.43 16.67
C ASP B 84 22.00 6.31 15.84
N ILE B 85 22.25 5.11 15.33
CA ILE B 85 23.44 4.83 14.52
C ILE B 85 23.14 3.74 13.51
N MET B 86 23.75 3.82 12.33
CA MET B 86 23.47 2.92 11.22
C MET B 86 24.71 2.75 10.39
N LEU B 87 24.92 1.55 9.85
CA LEU B 87 26.06 1.24 8.99
C LEU B 87 25.54 1.02 7.58
N ILE B 88 26.22 1.53 6.58
CA ILE B 88 25.83 1.34 5.21
C ILE B 88 27.04 0.68 4.53
N LYS B 89 26.80 -0.46 3.90
CA LYS B 89 27.82 -1.14 3.12
C LYS B 89 27.76 -0.65 1.66
N LEU B 90 28.88 -0.30 1.06
CA LEU B 90 28.94 0.17 -0.32
C LEU B 90 29.04 -1.01 -1.31
N SER B 91 28.43 -0.89 -2.50
CA SER B 91 28.53 -1.93 -3.51
C SER B 91 29.92 -2.04 -4.18
N LYS B 92 30.68 -0.95 -4.29
CA LYS B 92 32.05 -0.86 -4.83
C LYS B 92 32.87 -0.22 -3.69
N PRO B 93 34.16 -0.53 -3.52
CA PRO B 93 35.05 0.21 -2.65
C PRO B 93 35.33 1.58 -3.20
N ALA B 94 35.43 2.49 -2.27
CA ALA B 94 35.84 3.83 -2.59
C ALA B 94 37.36 3.84 -2.78
N SER B 95 37.80 4.68 -3.71
CA SER B 95 39.22 4.90 -3.97
C SER B 95 39.70 5.93 -2.95
N LEU B 96 40.65 5.67 -2.05
CA LEU B 96 41.05 6.66 -1.06
C LEU B 96 42.24 7.47 -1.59
N ASN B 97 42.30 8.74 -1.22
CA ASN B 97 43.30 9.69 -1.70
C ASN B 97 43.12 10.99 -0.93
N SER B 98 43.65 12.12 -1.42
CA SER B 98 43.51 13.42 -0.78
C SER B 98 42.08 13.96 -0.64
N TYR B 99 41.18 13.55 -1.53
CA TYR B 99 39.81 14.06 -1.50
C TYR B 99 38.80 13.11 -0.85
N VAL B 100 39.15 11.82 -0.67
CA VAL B 100 38.27 10.85 -0.06
C VAL B 100 39.14 10.05 0.88
N SER B 101 38.98 10.11 2.19
CA SER B 101 39.79 9.31 3.08
C SER B 101 38.87 8.70 4.12
N THR B 102 39.32 7.81 5.01
CA THR B 102 38.45 7.27 6.02
C THR B 102 38.70 7.96 7.37
N VAL B 103 37.80 7.90 8.36
CA VAL B 103 38.08 8.43 9.70
C VAL B 103 38.17 7.24 10.65
N ALA B 104 39.16 7.32 11.53
CA ALA B 104 39.42 6.31 12.52
C ALA B 104 38.26 6.13 13.49
N LEU B 105 37.98 4.92 13.88
CA LEU B 105 37.01 4.67 14.91
C LEU B 105 37.58 5.11 16.28
N PRO B 106 36.78 5.48 17.29
CA PRO B 106 37.30 5.94 18.57
C PRO B 106 38.01 4.81 19.35
N SER B 107 39.13 5.02 20.02
CA SER B 107 39.72 4.01 20.91
C SER B 107 39.30 4.23 22.35
N SER B 108 38.79 5.41 22.69
CA SER B 108 38.23 5.66 23.99
C SER B 108 37.25 6.79 23.79
N CYS B 109 36.43 7.04 24.81
CA CYS B 109 35.45 8.11 24.75
C CYS B 109 36.10 9.47 24.98
N ALA B 110 35.75 10.49 24.21
CA ALA B 110 36.32 11.80 24.41
C ALA B 110 35.72 12.45 25.66
N SER B 111 36.47 13.21 26.45
CA SER B 111 35.87 13.85 27.61
C SER B 111 35.43 15.28 27.29
N SER B 112 34.66 15.86 28.21
CA SER B 112 34.25 17.26 28.15
C SER B 112 35.46 18.13 27.93
N GLY B 113 35.24 19.14 27.11
CA GLY B 113 36.28 20.10 26.81
C GLY B 113 37.02 19.74 25.54
N THR B 114 37.02 18.48 25.09
CA THR B 114 37.67 18.12 23.85
C THR B 114 36.97 18.89 22.74
N ARG B 115 37.82 19.51 21.92
CA ARG B 115 37.39 20.33 20.81
C ARG B 115 37.38 19.40 19.62
N CYS B 116 36.34 19.56 18.82
CA CYS B 116 36.02 18.63 17.76
C CYS B 116 35.57 19.40 16.56
N LEU B 117 35.31 18.72 15.44
CA LEU B 117 34.83 19.36 14.24
C LEU B 117 33.57 18.68 13.74
N VAL B 118 32.48 19.39 13.50
CA VAL B 118 31.25 18.85 12.91
C VAL B 118 31.29 19.38 11.48
N SER B 119 30.63 18.69 10.54
CA SER B 119 30.50 19.16 9.18
C SER B 119 29.18 18.69 8.57
N GLY B 120 28.66 19.43 7.58
CA GLY B 120 27.51 18.99 6.83
C GLY B 120 27.01 20.05 5.85
N TRP B 121 25.99 19.64 5.09
CA TRP B 121 25.30 20.48 4.15
C TRP B 121 23.91 20.79 4.70
N GLY B 122 23.79 20.87 6.02
CA GLY B 122 22.50 21.16 6.62
C GLY B 122 22.17 22.64 6.60
N ASN B 123 20.98 22.89 7.10
CA ASN B 123 20.42 24.23 7.22
C ASN B 123 21.41 25.19 7.89
N LEU B 124 21.51 26.38 7.30
CA LEU B 124 22.38 27.44 7.79
C LEU B 124 21.69 28.34 8.81
N SER B 125 20.39 28.22 8.93
CA SER B 125 19.60 29.08 9.77
C SER B 125 18.70 28.25 10.67
N GLY B 126 18.54 28.75 11.88
CA GLY B 126 17.63 28.12 12.83
C GLY B 126 16.24 28.74 12.74
N SER B 127 15.96 29.68 11.82
CA SER B 127 14.64 30.29 11.68
C SER B 127 14.22 30.27 10.23
N SER B 128 15.07 29.82 9.31
CA SER B 128 14.73 29.80 7.90
C SER B 128 15.24 28.48 7.28
N SER B 129 14.74 28.05 6.12
CA SER B 129 15.24 26.89 5.39
C SER B 129 16.29 27.48 4.43
N ASN B 130 17.55 27.22 4.71
CA ASN B 130 18.64 27.87 4.03
C ASN B 130 19.74 26.85 3.84
N TYR B 131 19.87 26.25 2.67
CA TYR B 131 20.82 25.16 2.52
C TYR B 131 21.97 25.51 1.63
N PRO B 132 23.18 25.12 2.00
CA PRO B 132 24.38 25.44 1.25
C PRO B 132 24.70 24.47 0.12
N ASP B 133 25.53 24.91 -0.82
CA ASP B 133 26.09 24.03 -1.82
C ASP B 133 27.44 23.56 -1.32
N THR B 134 28.21 24.36 -0.59
CA THR B 134 29.51 23.94 -0.13
C THR B 134 29.46 23.55 1.34
N LEU B 135 30.21 22.50 1.61
CA LEU B 135 30.33 21.90 2.92
C LEU B 135 30.79 22.87 4.00
N ARG B 136 30.05 22.94 5.11
CA ARG B 136 30.37 23.81 6.23
C ARG B 136 30.96 23.01 7.38
N CYS B 137 31.83 23.65 8.14
CA CYS B 137 32.54 23.09 9.25
C CYS B 137 32.29 23.95 10.48
N LEU B 138 32.36 23.41 11.68
CA LEU B 138 32.14 24.14 12.90
C LEU B 138 32.99 23.46 13.95
N ASP B 139 33.82 24.22 14.65
CA ASP B 139 34.65 23.67 15.71
C ASP B 139 33.86 23.83 16.98
N LEU B 140 33.73 22.81 17.82
CA LEU B 140 32.87 22.92 18.98
C LEU B 140 33.41 21.99 20.05
N PRO B 141 33.17 22.25 21.33
CA PRO B 141 33.61 21.37 22.41
C PRO B 141 32.57 20.39 22.88
N ILE B 142 32.98 19.24 23.39
CA ILE B 142 32.05 18.33 24.04
C ILE B 142 31.62 19.00 25.35
N LEU B 143 30.34 18.95 25.73
CA LEU B 143 29.87 19.59 26.96
C LEU B 143 29.77 18.55 28.07
N SER B 144 29.72 18.98 29.34
CA SER B 144 29.65 18.00 30.42
C SER B 144 28.31 17.31 30.47
N SER B 145 28.25 16.14 31.09
CA SER B 145 26.99 15.45 31.29
C SER B 145 26.02 16.35 32.05
N SER B 146 26.49 17.09 33.05
CA SER B 146 25.63 17.99 33.82
C SER B 146 24.99 19.08 32.96
N SER B 147 25.74 19.72 32.06
CA SER B 147 25.17 20.71 31.18
C SER B 147 24.18 20.06 30.22
N CYS B 148 24.49 18.85 29.77
CA CYS B 148 23.66 18.17 28.82
C CYS B 148 22.31 17.83 29.45
N ASN B 149 22.37 17.32 30.67
CA ASN B 149 21.17 16.93 31.37
C ASN B 149 20.35 18.06 31.89
N SER B 150 20.94 19.20 32.22
CA SER B 150 20.12 20.31 32.61
C SER B 150 19.53 20.93 31.34
N ALA B 151 20.18 20.89 30.16
CA ALA B 151 19.57 21.37 28.94
C ALA B 151 18.41 20.48 28.50
N TYR B 152 18.52 19.15 28.61
CA TYR B 152 17.47 18.23 28.18
C TYR B 152 17.08 17.23 29.27
N PRO B 153 16.42 17.62 30.39
CA PRO B 153 16.07 16.76 31.52
C PRO B 153 15.24 15.58 31.11
N GLY B 154 15.83 14.44 31.47
CA GLY B 154 15.22 13.14 31.25
C GLY B 154 15.23 12.63 29.81
N GLN B 155 15.92 13.31 28.90
CA GLN B 155 15.93 12.87 27.53
C GLN B 155 17.30 12.39 27.04
N ILE B 156 18.34 12.52 27.86
CA ILE B 156 19.68 12.18 27.43
C ILE B 156 19.95 10.75 27.90
N THR B 157 20.26 9.78 27.04
CA THR B 157 20.59 8.45 27.56
C THR B 157 22.12 8.32 27.62
N SER B 158 22.67 7.19 28.08
CA SER B 158 24.10 6.95 28.10
C SER B 158 24.74 6.83 26.74
N ASN B 159 23.91 6.76 25.69
CA ASN B 159 24.39 6.65 24.33
C ASN B 159 24.37 8.01 23.63
N MET B 160 24.28 9.11 24.37
CA MET B 160 24.22 10.44 23.77
C MET B 160 25.16 11.39 24.47
N PHE B 161 25.70 12.41 23.80
CA PHE B 161 26.45 13.47 24.46
C PHE B 161 26.07 14.80 23.81
N CYS B 162 26.21 15.89 24.51
CA CYS B 162 25.92 17.20 23.96
C CYS B 162 27.23 17.82 23.57
N ALA B 163 27.19 18.69 22.59
CA ALA B 163 28.37 19.43 22.18
C ALA B 163 27.88 20.73 21.58
N GLY B 164 28.69 21.77 21.68
CA GLY B 164 28.30 23.05 21.12
C GLY B 164 28.45 24.13 22.16
N PHE B 165 27.50 25.08 22.17
CA PHE B 165 27.60 26.29 22.99
C PHE B 165 26.28 26.51 23.69
N MET B 166 26.32 26.59 25.01
CA MET B 166 25.10 26.83 25.78
C MET B 166 24.53 28.21 25.53
N GLU B 167 25.32 29.18 25.08
CA GLU B 167 24.83 30.52 24.72
C GLU B 167 24.12 30.52 23.37
N GLY B 168 24.28 29.43 22.61
CA GLY B 168 23.70 29.30 21.28
C GLY B 168 24.60 29.95 20.27
N GLY B 169 24.03 30.28 19.10
CA GLY B 169 24.72 30.99 18.05
C GLY B 169 25.41 30.08 17.07
N LYS B 170 25.96 28.93 17.51
CA LYS B 170 26.65 27.99 16.63
C LYS B 170 26.12 26.59 16.92
N ASP B 171 25.74 25.79 15.93
CA ASP B 171 25.16 24.46 16.17
C ASP B 171 25.10 23.70 14.84
N SER B 172 24.94 22.37 14.86
CA SER B 172 24.56 21.70 13.62
C SER B 172 23.02 21.86 13.52
N CYS B 173 22.36 21.39 12.46
CA CYS B 173 20.95 21.70 12.26
C CYS B 173 20.38 20.63 11.34
N GLN B 174 19.12 20.74 10.90
CA GLN B 174 18.48 19.77 10.01
C GLN B 174 19.30 19.60 8.75
N GLY B 175 19.41 18.38 8.24
CA GLY B 175 20.20 18.11 7.06
C GLY B 175 21.64 17.76 7.42
N ASP B 176 22.10 18.09 8.63
CA ASP B 176 23.43 17.65 9.07
C ASP B 176 23.33 16.28 9.71
N SER B 177 22.12 15.78 10.03
CA SER B 177 21.92 14.48 10.66
C SER B 177 22.65 13.35 9.99
N GLY B 178 23.33 12.55 10.82
CA GLY B 178 24.10 11.42 10.34
C GLY B 178 25.55 11.77 10.10
N GLY B 179 25.88 13.06 10.04
CA GLY B 179 27.23 13.53 9.78
C GLY B 179 28.18 13.40 10.98
N PRO B 180 29.46 13.56 10.75
CA PRO B 180 30.47 13.29 11.76
C PRO B 180 30.84 14.40 12.75
N VAL B 181 31.11 14.05 14.01
CA VAL B 181 31.80 14.92 14.96
C VAL B 181 33.16 14.20 15.17
N VAL B 182 34.26 14.74 14.64
CA VAL B 182 35.58 14.13 14.72
C VAL B 182 36.42 14.92 15.71
N CYS B 183 37.08 14.22 16.63
CA CYS B 183 37.92 14.86 17.63
C CYS B 183 39.27 14.16 17.60
N ASN B 184 40.37 14.88 17.33
CA ASN B 184 41.73 14.35 17.35
C ASN B 184 41.88 13.13 16.45
N GLY B 185 41.34 13.26 15.25
CA GLY B 185 41.41 12.26 14.23
C GLY B 185 40.46 11.09 14.41
N GLN B 186 39.59 10.99 15.42
CA GLN B 186 38.68 9.86 15.58
C GLN B 186 37.22 10.28 15.63
N LEU B 187 36.38 9.47 15.00
CA LEU B 187 34.94 9.73 14.97
C LEU B 187 34.35 9.54 16.36
N GLN B 188 33.92 10.61 17.06
CA GLN B 188 33.29 10.45 18.37
C GLN B 188 31.79 10.58 18.35
N GLY B 189 31.20 11.22 17.33
CA GLY B 189 29.78 11.44 17.37
C GLY B 189 29.16 11.42 15.99
N VAL B 190 27.86 11.21 16.01
CA VAL B 190 27.02 11.28 14.82
C VAL B 190 25.92 12.32 15.11
N VAL B 191 25.68 13.30 14.23
CA VAL B 191 24.64 14.34 14.44
C VAL B 191 23.28 13.64 14.57
N SER B 192 22.60 13.82 15.71
CA SER B 192 21.38 13.08 15.92
C SER B 192 20.18 14.02 16.07
N TRP B 193 20.10 14.86 17.11
CA TRP B 193 18.92 15.72 17.31
C TRP B 193 19.26 16.96 18.12
N GLY B 194 18.30 17.82 18.37
CA GLY B 194 18.47 19.01 19.22
C GLY B 194 17.16 19.75 19.24
N TYR B 195 16.91 20.71 20.11
CA TYR B 195 15.66 21.46 20.02
C TYR B 195 15.97 22.69 19.22
N GLY B 196 15.47 22.71 18.00
CA GLY B 196 15.72 23.85 17.11
C GLY B 196 17.17 23.83 16.64
N CYS B 197 17.77 24.98 16.35
CA CYS B 197 19.16 25.03 15.97
C CYS B 197 19.74 26.31 16.46
N ALA B 198 20.86 26.14 17.15
CA ALA B 198 21.66 27.21 17.71
C ALA B 198 20.91 28.06 18.74
N GLN B 199 19.92 27.50 19.39
CA GLN B 199 19.23 28.19 20.43
C GLN B 199 20.00 28.10 21.74
N ARG B 200 19.74 29.10 22.55
CA ARG B 200 20.32 29.19 23.87
C ARG B 200 19.78 28.03 24.70
N ASN B 201 20.73 27.44 25.42
CA ASN B 201 20.60 26.30 26.32
C ASN B 201 20.02 25.05 25.69
N LYS B 202 20.16 24.96 24.36
CA LYS B 202 19.65 23.82 23.61
C LYS B 202 20.75 23.38 22.66
N PRO B 203 21.88 22.83 23.16
CA PRO B 203 22.99 22.42 22.32
C PRO B 203 22.60 21.18 21.52
N GLY B 204 23.42 20.81 20.53
CA GLY B 204 23.20 19.59 19.75
C GLY B 204 23.46 18.38 20.63
N VAL B 205 22.70 17.32 20.31
CA VAL B 205 22.86 16.00 20.93
C VAL B 205 23.31 15.05 19.80
N TYR B 206 24.32 14.28 20.19
CA TYR B 206 25.03 13.42 19.27
C TYR B 206 25.05 12.00 19.79
N THR B 207 25.04 11.04 18.87
CA THR B 207 25.18 9.64 19.25
C THR B 207 26.63 9.41 19.73
N LYS B 208 26.82 8.72 20.87
CA LYS B 208 28.12 8.52 21.46
C LYS B 208 28.77 7.31 20.81
N VAL B 209 29.58 7.53 19.76
CA VAL B 209 30.11 6.44 18.94
C VAL B 209 31.03 5.54 19.72
N CYS B 210 31.75 5.99 20.75
CA CYS B 210 32.63 5.11 21.49
C CYS B 210 31.87 3.99 22.20
N ASN B 211 30.54 4.06 22.35
CA ASN B 211 29.77 2.96 22.92
C ASN B 211 29.50 1.84 21.93
N TYR B 212 29.84 2.02 20.66
CA TYR B 212 29.50 1.05 19.62
C TYR B 212 30.73 0.46 18.94
N ARG B 213 31.94 0.58 19.53
CA ARG B 213 33.17 0.08 18.89
C ARG B 213 33.07 -1.41 18.62
N SER B 214 32.64 -2.22 19.58
CA SER B 214 32.44 -3.65 19.36
C SER B 214 31.35 -3.95 18.36
N TRP B 215 30.16 -3.36 18.48
CA TRP B 215 29.07 -3.58 17.52
C TRP B 215 29.50 -3.24 16.10
N ILE B 216 30.14 -2.09 15.84
CA ILE B 216 30.60 -1.72 14.51
C ILE B 216 31.62 -2.75 14.01
N SER B 217 32.65 -3.08 14.82
CA SER B 217 33.63 -4.11 14.50
C SER B 217 32.99 -5.47 14.19
N SER B 218 32.13 -6.09 15.01
CA SER B 218 31.52 -7.36 14.65
C SER B 218 30.61 -7.27 13.43
N THR B 219 29.82 -6.20 13.29
CA THR B 219 28.93 -6.07 12.16
C THR B 219 29.66 -6.00 10.84
N MET B 220 30.73 -5.23 10.78
CA MET B 220 31.55 -5.15 9.58
C MET B 220 32.18 -6.49 9.29
N SER B 221 32.53 -7.24 10.34
CA SER B 221 33.19 -8.53 10.13
C SER B 221 32.19 -9.62 9.76
N SER B 222 30.89 -9.51 10.03
CA SER B 222 29.94 -10.52 9.63
C SER B 222 28.98 -10.17 8.50
N ASN B 223 29.16 -9.07 7.77
CA ASN B 223 28.25 -8.67 6.72
C ASN B 223 29.04 -8.16 5.55
N ILE C 1 7.68 8.31 -14.04
CA ILE C 1 6.70 8.39 -15.11
C ILE C 1 7.31 7.39 -16.08
N VAL C 2 6.54 6.50 -16.69
CA VAL C 2 7.05 5.54 -17.62
C VAL C 2 6.64 6.04 -19.00
N GLY C 3 7.61 6.15 -19.91
CA GLY C 3 7.38 6.53 -21.32
C GLY C 3 6.94 7.98 -21.53
N GLY C 4 7.42 8.87 -20.66
CA GLY C 4 7.09 10.28 -20.74
C GLY C 4 8.31 11.03 -21.27
N TYR C 5 8.37 12.34 -21.05
CA TYR C 5 9.44 13.17 -21.55
C TYR C 5 9.83 14.19 -20.47
N GLU C 6 11.04 14.75 -20.49
CA GLU C 6 11.41 15.71 -19.48
C GLU C 6 10.58 16.96 -19.71
N CYS C 7 10.01 17.48 -18.65
CA CYS C 7 9.22 18.68 -18.76
C CYS C 7 10.13 19.85 -19.10
N ARG C 8 9.57 20.71 -19.94
CA ARG C 8 10.22 21.95 -20.26
C ARG C 8 10.21 22.78 -18.99
N LYS C 9 11.23 23.61 -18.95
CA LYS C 9 11.58 24.49 -17.85
C LYS C 9 10.41 25.29 -17.29
N ASN C 10 9.61 25.81 -18.22
CA ASN C 10 8.43 26.60 -17.92
C ASN C 10 7.23 25.71 -17.62
N SER C 11 7.24 24.42 -17.93
CA SER C 11 6.09 23.59 -17.69
C SER C 11 6.08 23.11 -16.27
N ALA C 12 4.84 22.86 -15.86
CA ALA C 12 4.53 22.25 -14.57
C ALA C 12 5.15 22.95 -13.38
N SER C 13 5.07 24.29 -13.33
CA SER C 13 5.62 25.06 -12.23
C SER C 13 4.75 25.06 -10.96
N TYR C 14 3.56 24.43 -11.01
CA TYR C 14 2.72 24.15 -9.82
C TYR C 14 3.16 22.89 -9.05
N GLN C 15 4.15 22.15 -9.55
CA GLN C 15 4.58 20.89 -8.99
C GLN C 15 5.37 21.05 -7.70
N ALA C 16 4.96 20.33 -6.67
CA ALA C 16 5.64 20.32 -5.38
C ALA C 16 6.19 18.92 -5.16
N SER C 17 7.24 18.78 -4.34
CA SER C 17 7.75 17.48 -3.89
C SER C 17 7.49 17.56 -2.39
N LEU C 18 7.22 16.46 -1.72
CA LEU C 18 7.00 16.47 -0.29
C LEU C 18 8.05 15.56 0.30
N GLN C 19 8.68 16.03 1.37
CA GLN C 19 9.56 15.23 2.17
C GLN C 19 8.68 14.88 3.36
N SER C 20 7.88 13.80 3.20
CA SER C 20 7.01 13.32 4.26
C SER C 20 7.97 12.44 5.04
N GLY C 21 8.71 13.14 5.88
CA GLY C 21 9.77 12.50 6.63
C GLY C 21 10.85 12.19 5.61
N TYR C 22 11.04 10.89 5.36
CA TYR C 22 12.01 10.44 4.38
C TYR C 22 11.31 9.86 3.17
N HIS C 23 9.98 9.78 3.17
CA HIS C 23 9.28 9.26 2.02
C HIS C 23 9.06 10.46 1.08
N PHE C 24 9.01 10.14 -0.22
CA PHE C 24 8.83 11.12 -1.29
C PHE C 24 7.51 10.91 -2.00
N CYS C 25 6.81 12.00 -2.24
CA CYS C 25 5.57 12.02 -3.01
C CYS C 25 5.57 13.35 -3.74
N GLY C 26 4.79 13.50 -4.80
CA GLY C 26 4.64 14.78 -5.43
C GLY C 26 3.46 15.46 -4.76
N GLY C 27 3.14 16.65 -5.26
CA GLY C 27 1.99 17.41 -4.78
C GLY C 27 1.78 18.54 -5.76
N SER C 28 0.79 19.39 -5.56
CA SER C 28 0.65 20.57 -6.41
C SER C 28 0.16 21.77 -5.62
N LEU C 29 0.68 22.94 -5.99
CA LEU C 29 0.35 24.17 -5.30
C LEU C 29 -0.97 24.72 -5.83
N ILE C 30 -1.98 24.93 -4.97
CA ILE C 30 -3.24 25.48 -5.41
C ILE C 30 -3.47 26.92 -4.94
N SER C 31 -2.64 27.42 -4.05
CA SER C 31 -2.69 28.81 -3.62
C SER C 31 -1.35 29.03 -2.96
N SER C 32 -1.02 30.26 -2.56
CA SER C 32 0.30 30.49 -2.01
C SER C 32 0.52 29.74 -0.73
N THR C 33 -0.55 29.37 -0.03
CA THR C 33 -0.32 28.66 1.20
C THR C 33 -0.84 27.24 1.18
N TRP C 34 -1.52 26.72 0.15
CA TRP C 34 -2.03 25.35 0.26
C TRP C 34 -1.56 24.43 -0.85
N VAL C 35 -1.25 23.19 -0.49
CA VAL C 35 -0.72 22.18 -1.40
C VAL C 35 -1.69 21.00 -1.40
N VAL C 36 -2.07 20.37 -2.51
CA VAL C 36 -2.80 19.12 -2.38
C VAL C 36 -1.90 17.94 -2.79
N SER C 37 -2.07 16.81 -2.09
CA SER C 37 -1.36 15.59 -2.36
C SER C 37 -2.29 14.42 -2.07
N ALA C 38 -1.75 13.21 -1.96
CA ALA C 38 -2.52 12.01 -1.73
C ALA C 38 -2.42 11.73 -0.23
N ALA C 39 -3.52 11.36 0.41
CA ALA C 39 -3.55 11.02 1.83
C ALA C 39 -2.67 9.85 2.21
N HIS C 40 -2.37 8.95 1.27
CA HIS C 40 -1.49 7.82 1.57
C HIS C 40 -0.04 8.30 1.71
N CYS C 41 0.27 9.56 1.40
CA CYS C 41 1.62 10.08 1.63
C CYS C 41 1.68 10.83 2.95
N TYR C 42 0.66 10.73 3.82
CA TYR C 42 0.64 11.51 5.05
C TYR C 42 1.80 11.26 6.00
N LYS C 43 2.20 12.37 6.62
CA LYS C 43 3.02 12.37 7.81
C LYS C 43 2.63 13.66 8.56
N SER C 44 2.71 13.73 9.90
CA SER C 44 2.23 14.92 10.62
C SER C 44 3.09 16.14 10.38
N ARG C 45 4.34 15.94 9.94
CA ARG C 45 5.21 17.04 9.58
C ARG C 45 5.83 16.74 8.22
N ILE C 46 5.58 17.65 7.28
CA ILE C 46 6.07 17.52 5.91
C ILE C 46 6.84 18.79 5.50
N GLN C 47 7.96 18.65 4.78
CA GLN C 47 8.59 19.80 4.15
C GLN C 47 8.24 19.75 2.66
N VAL C 48 7.67 20.85 2.18
CA VAL C 48 7.28 20.99 0.79
C VAL C 48 8.41 21.71 0.08
N ARG C 49 8.76 21.22 -1.09
CA ARG C 49 9.80 21.77 -1.94
C ARG C 49 9.10 22.28 -3.21
N LEU C 50 9.41 23.50 -3.60
CA LEU C 50 8.77 24.13 -4.74
C LEU C 50 9.84 24.73 -5.65
N GLY C 51 9.50 25.01 -6.90
CA GLY C 51 10.36 25.71 -7.85
C GLY C 51 11.52 24.90 -8.38
N GLU C 52 11.37 23.59 -8.38
CA GLU C 52 12.47 22.71 -8.70
C GLU C 52 12.16 21.90 -9.95
N HIS C 53 13.12 21.68 -10.85
CA HIS C 53 12.86 20.76 -11.92
C HIS C 53 13.91 19.68 -11.84
N ASN C 54 15.16 19.99 -11.49
CA ASN C 54 16.18 18.96 -11.31
C ASN C 54 16.44 18.89 -9.82
N ILE C 55 15.99 17.82 -9.15
CA ILE C 55 16.17 17.74 -7.71
C ILE C 55 17.59 17.38 -7.28
N ALA C 56 18.47 16.95 -8.17
CA ALA C 56 19.83 16.60 -7.79
C ALA C 56 20.72 17.82 -7.59
N VAL C 57 20.45 18.90 -8.32
CA VAL C 57 21.28 20.10 -8.24
C VAL C 57 20.55 21.42 -7.93
N ASN C 58 21.33 22.46 -7.64
CA ASN C 58 20.80 23.77 -7.32
C ASN C 58 20.48 24.52 -8.61
N GLU C 59 19.31 25.14 -8.67
CA GLU C 59 18.91 25.94 -9.82
C GLU C 59 18.57 27.38 -9.41
N GLY C 60 18.68 27.69 -8.11
CA GLY C 60 18.40 29.01 -7.55
C GLY C 60 16.93 29.31 -7.34
N THR C 61 16.03 28.57 -7.97
CA THR C 61 14.59 28.79 -7.89
C THR C 61 13.82 28.09 -6.76
N GLU C 62 14.51 27.22 -6.03
CA GLU C 62 13.88 26.39 -5.04
C GLU C 62 13.32 27.14 -3.83
N GLN C 63 12.23 26.66 -3.25
CA GLN C 63 11.64 27.23 -2.05
C GLN C 63 11.33 26.02 -1.21
N PHE C 64 11.84 25.92 0.02
CA PHE C 64 11.60 24.80 0.93
C PHE C 64 10.76 25.35 2.06
N ILE C 65 9.54 24.88 2.31
CA ILE C 65 8.67 25.48 3.29
C ILE C 65 8.07 24.34 4.11
N ASP C 66 8.06 24.37 5.44
CA ASP C 66 7.45 23.34 6.25
C ASP C 66 5.93 23.50 6.40
N SER C 67 5.24 22.39 6.61
CA SER C 67 3.80 22.41 6.78
C SER C 67 3.48 22.96 8.16
N VAL C 68 2.29 23.50 8.34
CA VAL C 68 1.82 23.88 9.66
C VAL C 68 0.56 23.08 10.03
N LYS C 69 -0.21 22.64 9.02
CA LYS C 69 -1.39 21.80 9.19
C LYS C 69 -1.36 20.73 8.10
N VAL C 70 -1.70 19.47 8.40
CA VAL C 70 -1.78 18.44 7.35
C VAL C 70 -3.19 17.87 7.52
N ILE C 71 -4.07 17.89 6.50
CA ILE C 71 -5.46 17.47 6.66
C ILE C 71 -5.80 16.38 5.63
N MET C 72 -5.86 15.14 6.09
CA MET C 72 -6.27 14.04 5.24
C MET C 72 -7.76 14.11 5.02
N HIS C 73 -8.31 13.63 3.91
CA HIS C 73 -9.76 13.61 3.79
C HIS C 73 -10.38 12.83 4.94
N PRO C 74 -11.49 13.26 5.55
CA PRO C 74 -12.13 12.55 6.67
C PRO C 74 -12.42 11.07 6.40
N SER C 75 -12.79 10.71 5.16
CA SER C 75 -13.08 9.33 4.82
C SER C 75 -12.03 8.58 4.01
N TYR C 76 -10.77 9.02 4.08
CA TYR C 76 -9.68 8.29 3.46
C TYR C 76 -9.72 6.86 3.98
N ASN C 77 -9.63 5.89 3.08
CA ASN C 77 -9.67 4.47 3.44
C ASN C 77 -8.40 3.83 2.91
N SER C 78 -7.51 3.42 3.80
CA SER C 78 -6.27 2.82 3.36
C SER C 78 -6.47 1.43 2.76
N ARG C 79 -7.60 0.76 2.93
CA ARG C 79 -7.81 -0.55 2.35
C ARG C 79 -7.88 -0.45 0.84
N ASN C 80 -8.60 0.50 0.29
CA ASN C 80 -8.77 0.55 -1.14
C ASN C 80 -8.37 1.90 -1.70
N LEU C 81 -7.79 2.79 -0.87
CA LEU C 81 -7.35 4.14 -1.24
C LEU C 81 -8.48 5.01 -1.74
N ASP C 82 -9.68 4.79 -1.23
CA ASP C 82 -10.82 5.65 -1.52
C ASP C 82 -10.60 6.97 -0.77
N ASN C 83 -10.87 8.08 -1.48
CA ASN C 83 -10.70 9.43 -0.95
C ASN C 83 -9.25 9.71 -0.60
N ASP C 84 -8.38 9.31 -1.55
CA ASP C 84 -6.95 9.48 -1.37
C ASP C 84 -6.51 10.90 -1.73
N ILE C 85 -6.83 11.83 -0.84
CA ILE C 85 -6.50 13.23 -1.03
C ILE C 85 -6.22 13.89 0.32
N MET C 86 -5.29 14.85 0.35
CA MET C 86 -4.94 15.55 1.56
C MET C 86 -4.49 16.95 1.17
N LEU C 87 -4.72 17.86 2.11
CA LEU C 87 -4.35 19.26 1.98
C LEU C 87 -3.28 19.59 3.00
N ILE C 88 -2.29 20.36 2.56
CA ILE C 88 -1.16 20.76 3.39
C ILE C 88 -1.15 22.28 3.43
N LYS C 89 -1.18 22.89 4.63
CA LYS C 89 -1.09 24.34 4.75
C LYS C 89 0.37 24.63 5.05
N LEU C 90 0.95 25.55 4.30
CA LEU C 90 2.35 25.93 4.45
C LEU C 90 2.47 26.93 5.60
N SER C 91 3.58 26.88 6.36
CA SER C 91 3.73 27.81 7.47
C SER C 91 3.94 29.25 7.00
N LYS C 92 4.42 29.47 5.78
CA LYS C 92 4.57 30.80 5.19
C LYS C 92 4.19 30.68 3.74
N PRO C 93 3.59 31.65 3.07
CA PRO C 93 3.27 31.58 1.65
C PRO C 93 4.45 31.49 0.73
N ALA C 94 4.24 30.74 -0.33
CA ALA C 94 5.22 30.61 -1.37
C ALA C 94 5.25 31.94 -2.13
N SER C 95 6.41 32.32 -2.66
CA SER C 95 6.56 33.51 -3.50
C SER C 95 6.31 33.04 -4.93
N LEU C 96 5.21 33.45 -5.53
CA LEU C 96 4.89 33.03 -6.86
C LEU C 96 5.73 33.84 -7.83
N ASN C 97 6.22 33.19 -8.86
CA ASN C 97 7.09 33.80 -9.84
C ASN C 97 6.95 32.87 -11.03
N SER C 98 7.93 32.80 -11.91
CA SER C 98 7.80 31.99 -13.11
C SER C 98 7.92 30.49 -12.87
N TYR C 99 8.73 30.17 -11.87
CA TYR C 99 9.03 28.79 -11.56
C TYR C 99 8.10 28.22 -10.50
N VAL C 100 7.29 29.04 -9.82
CA VAL C 100 6.41 28.59 -8.76
C VAL C 100 5.07 29.22 -9.06
N SER C 101 4.10 28.45 -9.47
CA SER C 101 2.78 28.95 -9.78
C SER C 101 1.73 28.03 -9.16
N THR C 102 0.48 28.46 -9.19
CA THR C 102 -0.61 27.68 -8.67
C THR C 102 -1.35 27.05 -9.84
N VAL C 103 -2.12 25.98 -9.58
CA VAL C 103 -2.95 25.36 -10.62
C VAL C 103 -4.36 25.58 -10.12
N ALA C 104 -5.29 25.74 -11.05
CA ALA C 104 -6.66 26.03 -10.67
C ALA C 104 -7.41 24.77 -10.29
N LEU C 105 -8.37 24.93 -9.38
CA LEU C 105 -9.23 23.84 -9.00
C LEU C 105 -10.24 23.66 -10.13
N PRO C 106 -10.78 22.46 -10.31
CA PRO C 106 -11.68 22.13 -11.40
C PRO C 106 -13.01 22.83 -11.25
N SER C 107 -13.59 23.29 -12.35
CA SER C 107 -14.87 23.94 -12.28
C SER C 107 -15.94 22.88 -12.42
N SER C 108 -15.58 21.79 -13.09
CA SER C 108 -16.47 20.69 -13.32
C SER C 108 -15.55 19.50 -13.54
N CYS C 109 -16.18 18.33 -13.62
CA CYS C 109 -15.46 17.11 -13.84
C CYS C 109 -15.15 16.99 -15.31
N ALA C 110 -13.94 16.58 -15.67
CA ALA C 110 -13.57 16.35 -17.05
C ALA C 110 -14.18 15.03 -17.54
N SER C 111 -14.49 14.92 -18.83
CA SER C 111 -15.04 13.69 -19.39
C SER C 111 -13.97 12.88 -20.12
N SER C 112 -14.28 11.61 -20.41
CA SER C 112 -13.37 10.72 -21.11
C SER C 112 -12.91 11.33 -22.40
N GLY C 113 -11.68 11.04 -22.77
CA GLY C 113 -11.09 11.59 -23.96
C GLY C 113 -10.37 12.87 -23.62
N THR C 114 -10.67 13.63 -22.54
CA THR C 114 -9.94 14.87 -22.23
C THR C 114 -8.48 14.52 -22.09
N ARG C 115 -7.65 15.29 -22.78
CA ARG C 115 -6.23 15.07 -22.74
C ARG C 115 -5.67 15.87 -21.56
N CYS C 116 -4.74 15.30 -20.84
CA CYS C 116 -4.20 15.91 -19.64
C CYS C 116 -2.70 15.68 -19.57
N LEU C 117 -2.06 16.30 -18.58
CA LEU C 117 -0.65 16.11 -18.34
C LEU C 117 -0.47 15.61 -16.92
N VAL C 118 0.32 14.57 -16.73
CA VAL C 118 0.68 14.15 -15.39
C VAL C 118 2.18 14.40 -15.34
N SER C 119 2.73 14.62 -14.15
CA SER C 119 4.16 14.89 -13.99
C SER C 119 4.71 14.32 -12.71
N GLY C 120 5.99 13.95 -12.65
CA GLY C 120 6.59 13.54 -11.39
C GLY C 120 8.02 13.10 -11.52
N TRP C 121 8.62 12.81 -10.38
CA TRP C 121 9.98 12.28 -10.27
C TRP C 121 9.96 10.79 -9.91
N GLY C 122 8.87 10.08 -10.19
CA GLY C 122 8.77 8.66 -9.90
C GLY C 122 9.49 7.79 -10.94
N ASN C 123 9.41 6.50 -10.68
CA ASN C 123 10.06 5.48 -11.46
C ASN C 123 9.71 5.51 -12.94
N LEU C 124 10.79 5.28 -13.67
CA LEU C 124 10.77 5.32 -15.10
C LEU C 124 10.48 3.94 -15.67
N SER C 125 10.44 2.88 -14.86
CA SER C 125 10.23 1.54 -15.37
C SER C 125 9.28 0.72 -14.52
N GLY C 126 8.53 -0.19 -15.14
CA GLY C 126 7.59 -1.07 -14.45
C GLY C 126 8.19 -2.44 -14.14
N SER C 127 9.48 -2.66 -14.46
CA SER C 127 10.16 -3.90 -14.08
C SER C 127 11.51 -3.67 -13.38
N SER C 128 11.88 -2.45 -12.99
CA SER C 128 13.17 -2.16 -12.37
C SER C 128 13.13 -0.80 -11.72
N SER C 129 14.08 -0.45 -10.88
CA SER C 129 14.01 0.82 -10.21
C SER C 129 14.92 1.81 -10.91
N ASN C 130 14.32 2.75 -11.62
CA ASN C 130 15.10 3.77 -12.30
C ASN C 130 14.47 5.12 -12.01
N TYR C 131 15.09 5.95 -11.18
CA TYR C 131 14.46 7.19 -10.80
C TYR C 131 15.12 8.42 -11.42
N PRO C 132 14.43 9.43 -11.94
CA PRO C 132 15.03 10.57 -12.61
C PRO C 132 15.41 11.73 -11.69
N ASP C 133 16.34 12.57 -12.15
CA ASP C 133 16.63 13.79 -11.42
C ASP C 133 15.81 14.91 -12.01
N THR C 134 15.45 14.93 -13.29
CA THR C 134 14.59 15.99 -13.78
C THR C 134 13.16 15.45 -13.87
N LEU C 135 12.24 16.39 -13.63
CA LEU C 135 10.82 16.16 -13.70
C LEU C 135 10.39 15.66 -15.06
N ARG C 136 9.55 14.61 -15.05
CA ARG C 136 9.05 14.03 -16.27
C ARG C 136 7.59 14.36 -16.42
N CYS C 137 7.15 14.41 -17.68
CA CYS C 137 5.84 14.82 -18.09
C CYS C 137 5.23 13.76 -18.98
N LEU C 138 3.91 13.63 -19.01
CA LEU C 138 3.25 12.65 -19.84
C LEU C 138 1.85 13.11 -20.18
N ASP C 139 1.56 13.11 -21.46
CA ASP C 139 0.22 13.46 -21.88
C ASP C 139 -0.59 12.18 -21.94
N LEU C 140 -1.81 12.22 -21.45
CA LEU C 140 -2.61 11.02 -21.43
C LEU C 140 -4.09 11.40 -21.39
N PRO C 141 -5.00 10.61 -21.93
CA PRO C 141 -6.42 10.90 -21.87
C PRO C 141 -7.06 10.28 -20.65
N ILE C 142 -8.19 10.85 -20.25
CA ILE C 142 -9.02 10.24 -19.25
C ILE C 142 -9.75 9.11 -19.99
N LEU C 143 -9.84 7.94 -19.39
CA LEU C 143 -10.43 6.75 -19.98
C LEU C 143 -11.87 6.63 -19.53
N SER C 144 -12.74 5.90 -20.24
CA SER C 144 -14.13 5.79 -19.78
C SER C 144 -14.28 4.89 -18.56
N SER C 145 -15.34 5.15 -17.81
CA SER C 145 -15.70 4.29 -16.71
C SER C 145 -15.86 2.86 -17.16
N SER C 146 -16.36 2.59 -18.37
CA SER C 146 -16.49 1.23 -18.87
C SER C 146 -15.12 0.62 -18.93
N SER C 147 -14.14 1.31 -19.51
CA SER C 147 -12.78 0.82 -19.54
C SER C 147 -12.19 0.65 -18.14
N CYS C 148 -12.45 1.62 -17.25
CA CYS C 148 -11.82 1.61 -15.96
C CYS C 148 -12.32 0.46 -15.14
N ASN C 149 -13.64 0.27 -15.17
CA ASN C 149 -14.30 -0.77 -14.38
C ASN C 149 -14.01 -2.17 -14.86
N SER C 150 -13.86 -2.33 -16.18
CA SER C 150 -13.48 -3.59 -16.71
C SER C 150 -12.01 -3.87 -16.49
N ALA C 151 -11.15 -2.88 -16.31
CA ALA C 151 -9.75 -3.16 -16.04
C ALA C 151 -9.53 -3.57 -14.60
N TYR C 152 -10.34 -3.01 -13.69
CA TYR C 152 -10.22 -3.29 -12.24
C TYR C 152 -11.61 -3.57 -11.66
N PRO C 153 -12.26 -4.70 -12.00
CA PRO C 153 -13.65 -4.98 -11.62
C PRO C 153 -13.86 -5.01 -10.10
N GLY C 154 -14.85 -4.27 -9.61
CA GLY C 154 -15.14 -4.22 -8.19
C GLY C 154 -14.16 -3.35 -7.43
N GLN C 155 -13.12 -2.74 -8.00
CA GLN C 155 -12.19 -1.94 -7.20
C GLN C 155 -12.34 -0.41 -7.37
N ILE C 156 -13.09 0.07 -8.36
CA ILE C 156 -13.12 1.48 -8.67
C ILE C 156 -14.31 2.14 -8.01
N THR C 157 -14.09 3.12 -7.13
CA THR C 157 -15.19 3.81 -6.48
C THR C 157 -15.56 5.03 -7.30
N SER C 158 -16.64 5.71 -6.89
CA SER C 158 -17.03 6.96 -7.53
C SER C 158 -16.00 8.06 -7.37
N ASN C 159 -14.97 7.89 -6.53
CA ASN C 159 -14.00 8.95 -6.28
C ASN C 159 -12.71 8.71 -7.04
N MET C 160 -12.74 7.87 -8.07
CA MET C 160 -11.56 7.43 -8.81
C MET C 160 -11.83 7.49 -10.31
N PHE C 161 -10.83 7.73 -11.13
CA PHE C 161 -10.98 7.59 -12.56
C PHE C 161 -9.65 7.04 -13.04
N CYS C 162 -9.70 6.41 -14.21
CA CYS C 162 -8.52 5.84 -14.81
C CYS C 162 -8.03 6.76 -15.91
N ALA C 163 -6.74 6.80 -16.17
CA ALA C 163 -6.26 7.62 -17.25
C ALA C 163 -5.03 6.90 -17.71
N GLY C 164 -4.75 7.07 -19.00
CA GLY C 164 -3.56 6.48 -19.57
C GLY C 164 -3.89 5.67 -20.83
N PHE C 165 -3.29 4.48 -20.95
CA PHE C 165 -3.30 3.67 -22.17
C PHE C 165 -3.62 2.21 -21.90
N MET C 166 -4.69 1.62 -22.45
CA MET C 166 -4.93 0.22 -22.15
C MET C 166 -3.85 -0.62 -22.80
N GLU C 167 -3.11 -0.15 -23.79
CA GLU C 167 -2.04 -0.95 -24.38
C GLU C 167 -0.79 -0.90 -23.51
N GLY C 168 -0.84 -0.12 -22.43
CA GLY C 168 0.30 0.02 -21.55
C GLY C 168 1.40 0.87 -22.17
N GLY C 169 2.64 0.73 -21.66
CA GLY C 169 3.79 1.43 -22.18
C GLY C 169 4.02 2.82 -21.62
N LYS C 170 2.97 3.55 -21.25
CA LYS C 170 3.09 4.89 -20.74
C LYS C 170 2.15 4.96 -19.53
N ASP C 171 2.67 5.39 -18.36
CA ASP C 171 1.88 5.43 -17.13
C ASP C 171 2.60 6.25 -16.07
N SER C 172 1.93 6.65 -14.99
CA SER C 172 2.65 7.20 -13.84
C SER C 172 3.14 5.94 -13.12
N CYS C 173 3.91 6.07 -12.05
CA CYS C 173 4.45 4.92 -11.40
C CYS C 173 4.73 5.32 -9.96
N GLN C 174 5.37 4.44 -9.18
CA GLN C 174 5.76 4.67 -7.80
C GLN C 174 6.64 5.89 -7.67
N GLY C 175 6.42 6.74 -6.69
CA GLY C 175 7.17 7.98 -6.56
C GLY C 175 6.40 9.16 -7.16
N ASP C 176 5.43 8.90 -8.05
CA ASP C 176 4.61 9.95 -8.64
C ASP C 176 3.37 10.24 -7.80
N SER C 177 3.06 9.33 -6.86
CA SER C 177 1.88 9.44 -6.01
C SER C 177 1.81 10.81 -5.36
N GLY C 178 0.59 11.37 -5.31
CA GLY C 178 0.38 12.69 -4.79
C GLY C 178 0.45 13.75 -5.87
N GLY C 179 1.09 13.48 -7.03
CA GLY C 179 1.26 14.46 -8.09
C GLY C 179 0.02 14.80 -8.91
N PRO C 180 0.04 15.92 -9.64
CA PRO C 180 -1.09 16.44 -10.38
C PRO C 180 -1.44 15.78 -11.72
N VAL C 181 -2.73 15.69 -12.05
CA VAL C 181 -3.11 15.39 -13.42
C VAL C 181 -3.88 16.66 -13.77
N VAL C 182 -3.41 17.47 -14.72
CA VAL C 182 -3.97 18.79 -15.02
C VAL C 182 -4.58 18.68 -16.39
N CYS C 183 -5.83 19.08 -16.53
CA CYS C 183 -6.51 19.03 -17.83
C CYS C 183 -7.04 20.44 -18.05
N ASN C 184 -6.61 21.06 -19.15
CA ASN C 184 -6.99 22.43 -19.54
C ASN C 184 -6.89 23.42 -18.38
N GLY C 185 -5.70 23.47 -17.81
CA GLY C 185 -5.44 24.38 -16.71
C GLY C 185 -6.04 24.04 -15.36
N GLN C 186 -6.86 23.00 -15.19
CA GLN C 186 -7.45 22.67 -13.90
C GLN C 186 -6.89 21.35 -13.36
N LEU C 187 -6.79 21.27 -12.03
CA LEU C 187 -6.32 20.07 -11.39
C LEU C 187 -7.49 19.08 -11.36
N GLN C 188 -7.45 18.03 -12.17
CA GLN C 188 -8.51 17.01 -12.19
C GLN C 188 -8.11 15.73 -11.46
N GLY C 189 -6.83 15.41 -11.28
CA GLY C 189 -6.47 14.16 -10.64
C GLY C 189 -5.28 14.28 -9.71
N VAL C 190 -5.18 13.33 -8.78
CA VAL C 190 -4.04 13.16 -7.91
C VAL C 190 -3.64 11.71 -8.17
N VAL C 191 -2.35 11.50 -8.48
CA VAL C 191 -1.79 10.18 -8.73
C VAL C 191 -1.97 9.32 -7.47
N SER C 192 -2.69 8.20 -7.61
CA SER C 192 -3.04 7.38 -6.47
C SER C 192 -2.55 5.95 -6.50
N TRP C 193 -2.98 5.11 -7.45
CA TRP C 193 -2.56 3.72 -7.42
C TRP C 193 -2.64 3.10 -8.81
N GLY C 194 -2.23 1.85 -8.96
CA GLY C 194 -2.35 1.09 -10.18
C GLY C 194 -1.73 -0.26 -9.91
N TYR C 195 -1.92 -1.28 -10.76
CA TYR C 195 -1.26 -2.56 -10.57
C TYR C 195 -0.02 -2.57 -11.46
N GLY C 196 1.16 -2.56 -10.83
CA GLY C 196 2.41 -2.43 -11.56
C GLY C 196 2.44 -1.05 -12.24
N CYS C 197 3.25 -0.84 -13.29
CA CYS C 197 3.26 0.43 -14.01
C CYS C 197 3.28 0.11 -15.48
N ALA C 198 2.49 0.81 -16.26
CA ALA C 198 2.45 0.72 -17.70
C ALA C 198 2.22 -0.70 -18.24
N GLN C 199 1.51 -1.56 -17.52
CA GLN C 199 1.11 -2.89 -18.00
C GLN C 199 -0.18 -2.77 -18.81
N ARG C 200 -0.35 -3.68 -19.78
CA ARG C 200 -1.54 -3.66 -20.62
C ARG C 200 -2.77 -3.97 -19.77
N ASN C 201 -3.80 -3.18 -20.04
CA ASN C 201 -5.09 -3.21 -19.40
C ASN C 201 -5.01 -2.91 -17.92
N LYS C 202 -3.92 -2.28 -17.46
CA LYS C 202 -3.87 -1.86 -16.07
C LYS C 202 -3.44 -0.39 -16.08
N PRO C 203 -4.30 0.58 -16.51
CA PRO C 203 -3.97 2.01 -16.51
C PRO C 203 -3.90 2.58 -15.09
N GLY C 204 -3.37 3.81 -14.88
CA GLY C 204 -3.33 4.39 -13.56
C GLY C 204 -4.72 4.81 -13.12
N VAL C 205 -4.85 4.82 -11.78
CA VAL C 205 -6.06 5.24 -11.10
C VAL C 205 -5.69 6.49 -10.29
N TYR C 206 -6.57 7.49 -10.42
CA TYR C 206 -6.34 8.81 -9.90
C TYR C 206 -7.50 9.23 -9.04
N THR C 207 -7.26 9.98 -7.97
CA THR C 207 -8.35 10.54 -7.19
C THR C 207 -9.08 11.59 -8.04
N LYS C 208 -10.41 11.51 -8.08
CA LYS C 208 -11.25 12.42 -8.86
C LYS C 208 -11.44 13.71 -8.08
N VAL C 209 -10.58 14.69 -8.35
CA VAL C 209 -10.56 15.93 -7.61
C VAL C 209 -11.87 16.70 -7.75
N CYS C 210 -12.64 16.66 -8.84
CA CYS C 210 -13.83 17.49 -8.95
C CYS C 210 -14.89 17.09 -7.95
N ASN C 211 -14.78 15.91 -7.31
CA ASN C 211 -15.69 15.51 -6.25
C ASN C 211 -15.40 16.20 -4.94
N TYR C 212 -14.27 16.89 -4.78
CA TYR C 212 -13.83 17.46 -3.52
C TYR C 212 -13.82 18.96 -3.55
N ARG C 213 -14.45 19.56 -4.55
CA ARG C 213 -14.42 21.01 -4.68
C ARG C 213 -14.95 21.69 -3.43
N SER C 214 -16.07 21.23 -2.87
CA SER C 214 -16.59 21.88 -1.68
C SER C 214 -15.63 21.69 -0.51
N TRP C 215 -15.14 20.46 -0.32
CA TRP C 215 -14.29 20.15 0.82
C TRP C 215 -13.04 20.99 0.78
N ILE C 216 -12.40 21.12 -0.38
CA ILE C 216 -11.17 21.87 -0.47
C ILE C 216 -11.50 23.33 -0.19
N SER C 217 -12.54 23.90 -0.77
CA SER C 217 -12.93 25.28 -0.48
C SER C 217 -13.13 25.59 0.99
N SER C 218 -14.05 24.84 1.62
CA SER C 218 -14.39 24.89 3.02
C SER C 218 -13.18 24.82 3.91
N THR C 219 -12.27 23.85 3.65
CA THR C 219 -11.07 23.67 4.46
C THR C 219 -10.13 24.86 4.36
N MET C 220 -9.95 25.41 3.16
CA MET C 220 -9.05 26.53 3.00
C MET C 220 -9.62 27.78 3.65
N SER C 221 -10.93 27.96 3.55
CA SER C 221 -11.59 29.16 4.05
C SER C 221 -11.58 29.29 5.56
N SER C 222 -11.44 28.16 6.25
CA SER C 222 -11.53 28.17 7.68
C SER C 222 -10.40 27.49 8.37
N ASN C 223 -9.25 27.31 7.72
CA ASN C 223 -8.09 26.77 8.39
C ASN C 223 -6.89 27.63 8.06
N ILE D 1 -36.64 -14.90 -20.44
CA ILE D 1 -36.24 -13.62 -21.04
C ILE D 1 -37.13 -13.51 -22.28
N VAL D 2 -37.82 -12.40 -22.51
CA VAL D 2 -38.71 -12.18 -23.63
C VAL D 2 -37.91 -11.27 -24.54
N GLY D 3 -37.84 -11.64 -25.81
CA GLY D 3 -37.17 -10.82 -26.80
C GLY D 3 -35.65 -10.75 -26.73
N GLY D 4 -34.98 -11.78 -26.18
CA GLY D 4 -33.52 -11.80 -26.13
C GLY D 4 -32.92 -12.74 -27.16
N TYR D 5 -31.75 -13.28 -26.85
CA TYR D 5 -31.03 -14.14 -27.75
C TYR D 5 -30.33 -15.26 -27.01
N GLU D 6 -29.85 -16.33 -27.64
CA GLU D 6 -29.13 -17.34 -26.89
C GLU D 6 -27.79 -16.77 -26.53
N CYS D 7 -27.37 -16.86 -25.27
CA CYS D 7 -26.08 -16.33 -24.85
C CYS D 7 -24.88 -16.96 -25.55
N ARG D 8 -23.89 -16.11 -25.96
CA ARG D 8 -22.64 -16.59 -26.51
C ARG D 8 -21.97 -17.46 -25.44
N LYS D 9 -21.34 -18.57 -25.82
CA LYS D 9 -20.74 -19.52 -24.88
C LYS D 9 -19.89 -18.94 -23.75
N ASN D 10 -19.24 -17.81 -24.04
CA ASN D 10 -18.41 -17.15 -23.06
C ASN D 10 -19.19 -16.21 -22.18
N SER D 11 -20.25 -15.54 -22.66
CA SER D 11 -20.96 -14.59 -21.83
C SER D 11 -21.83 -15.32 -20.81
N ALA D 12 -22.14 -14.59 -19.75
CA ALA D 12 -22.94 -15.09 -18.63
C ALA D 12 -22.44 -16.38 -18.00
N SER D 13 -21.12 -16.62 -17.91
CA SER D 13 -20.59 -17.84 -17.28
C SER D 13 -20.66 -17.85 -15.75
N TYR D 14 -21.04 -16.71 -15.17
CA TYR D 14 -21.25 -16.58 -13.73
C TYR D 14 -22.66 -17.00 -13.33
N GLN D 15 -23.50 -17.40 -14.30
CA GLN D 15 -24.89 -17.78 -14.09
C GLN D 15 -25.01 -19.09 -13.32
N ALA D 16 -25.86 -19.09 -12.29
CA ALA D 16 -26.18 -20.29 -11.53
C ALA D 16 -27.69 -20.59 -11.71
N SER D 17 -28.07 -21.85 -11.53
CA SER D 17 -29.46 -22.24 -11.56
C SER D 17 -29.76 -22.81 -10.16
N LEU D 18 -30.87 -22.38 -9.55
CA LEU D 18 -31.29 -22.88 -8.24
C LEU D 18 -32.36 -23.92 -8.51
N GLN D 19 -32.15 -25.10 -7.95
CA GLN D 19 -32.99 -26.22 -8.27
C GLN D 19 -33.39 -27.03 -7.05
N SER D 20 -34.51 -27.72 -7.20
CA SER D 20 -34.97 -28.67 -6.21
C SER D 20 -35.81 -29.57 -7.13
N GLY D 21 -35.13 -30.43 -7.91
CA GLY D 21 -35.76 -31.17 -9.00
C GLY D 21 -36.00 -30.18 -10.14
N TYR D 22 -36.99 -29.33 -10.01
CA TYR D 22 -37.26 -28.27 -11.00
C TYR D 22 -36.21 -27.17 -10.83
N HIS D 23 -35.81 -26.46 -11.89
CA HIS D 23 -35.00 -25.25 -11.70
C HIS D 23 -36.02 -24.13 -11.58
N PHE D 24 -35.95 -23.36 -10.51
CA PHE D 24 -36.99 -22.39 -10.24
C PHE D 24 -36.49 -20.95 -10.19
N CYS D 25 -35.17 -20.67 -10.07
CA CYS D 25 -34.70 -19.30 -10.04
C CYS D 25 -33.28 -19.27 -10.56
N GLY D 26 -32.74 -18.11 -10.89
CA GLY D 26 -31.36 -18.02 -11.31
C GLY D 26 -30.57 -17.49 -10.12
N GLY D 27 -29.28 -17.29 -10.28
CA GLY D 27 -28.44 -16.72 -9.24
C GLY D 27 -27.12 -16.34 -9.90
N SER D 28 -26.14 -15.77 -9.20
CA SER D 28 -24.84 -15.61 -9.82
C SER D 28 -23.74 -15.88 -8.82
N LEU D 29 -22.66 -16.43 -9.36
CA LEU D 29 -21.51 -16.86 -8.57
C LEU D 29 -20.63 -15.64 -8.33
N ILE D 30 -20.46 -15.20 -7.08
CA ILE D 30 -19.62 -14.02 -6.78
C ILE D 30 -18.29 -14.47 -6.19
N SER D 31 -18.15 -15.73 -5.76
CA SER D 31 -16.89 -16.29 -5.33
C SER D 31 -17.02 -17.80 -5.54
N SER D 32 -16.01 -18.63 -5.36
CA SER D 32 -16.17 -20.05 -5.55
C SER D 32 -17.15 -20.68 -4.55
N THR D 33 -17.42 -20.08 -3.37
CA THR D 33 -18.40 -20.65 -2.45
C THR D 33 -19.67 -19.82 -2.24
N TRP D 34 -19.90 -18.68 -2.90
CA TRP D 34 -21.10 -17.89 -2.64
C TRP D 34 -21.81 -17.49 -3.91
N VAL D 35 -23.13 -17.62 -3.83
CA VAL D 35 -24.06 -17.29 -4.92
C VAL D 35 -25.03 -16.19 -4.39
N VAL D 36 -25.38 -15.13 -5.16
CA VAL D 36 -26.43 -14.24 -4.69
C VAL D 36 -27.64 -14.48 -5.60
N SER D 37 -28.81 -14.36 -5.00
CA SER D 37 -30.06 -14.56 -5.72
C SER D 37 -31.07 -13.62 -5.06
N ALA D 38 -32.37 -13.82 -5.31
CA ALA D 38 -33.46 -13.04 -4.77
C ALA D 38 -34.02 -13.74 -3.54
N ALA D 39 -34.32 -13.04 -2.44
CA ALA D 39 -34.93 -13.62 -1.25
C ALA D 39 -36.31 -14.28 -1.48
N HIS D 40 -37.07 -13.85 -2.51
CA HIS D 40 -38.35 -14.49 -2.74
C HIS D 40 -38.17 -15.87 -3.38
N CYS D 41 -36.95 -16.24 -3.79
CA CYS D 41 -36.63 -17.57 -4.30
C CYS D 41 -36.20 -18.47 -3.13
N TYR D 42 -36.29 -18.06 -1.86
CA TYR D 42 -35.86 -18.87 -0.72
C TYR D 42 -36.45 -20.26 -0.62
N LYS D 43 -35.58 -21.26 -0.39
CA LYS D 43 -35.94 -22.61 -0.01
C LYS D 43 -34.84 -23.02 0.97
N SER D 44 -35.05 -23.88 1.98
CA SER D 44 -34.00 -24.06 2.98
C SER D 44 -32.87 -24.95 2.53
N ARG D 45 -33.12 -25.78 1.53
CA ARG D 45 -32.13 -26.68 0.95
C ARG D 45 -32.20 -26.44 -0.57
N ILE D 46 -31.12 -26.00 -1.21
CA ILE D 46 -31.13 -25.68 -2.64
C ILE D 46 -29.92 -26.39 -3.28
N GLN D 47 -30.15 -27.03 -4.40
CA GLN D 47 -29.05 -27.58 -5.16
C GLN D 47 -28.73 -26.54 -6.22
N VAL D 48 -27.48 -26.12 -6.27
CA VAL D 48 -27.05 -25.13 -7.22
C VAL D 48 -26.39 -25.87 -8.38
N ARG D 49 -26.80 -25.50 -9.59
CA ARG D 49 -26.24 -26.11 -10.78
C ARG D 49 -25.47 -25.04 -11.51
N LEU D 50 -24.25 -25.39 -11.85
CA LEU D 50 -23.36 -24.52 -12.59
C LEU D 50 -22.94 -25.29 -13.84
N GLY D 51 -22.59 -24.60 -14.91
CA GLY D 51 -22.21 -25.31 -16.11
C GLY D 51 -22.70 -24.65 -17.38
N GLU D 52 -22.78 -25.57 -18.34
CA GLU D 52 -23.22 -25.39 -19.71
C GLU D 52 -24.43 -24.47 -19.87
N HIS D 53 -24.55 -23.62 -20.89
CA HIS D 53 -25.74 -22.78 -21.01
C HIS D 53 -26.96 -23.61 -21.38
N ASN D 54 -26.80 -24.82 -21.91
CA ASN D 54 -27.93 -25.65 -22.25
C ASN D 54 -28.08 -26.59 -21.07
N ILE D 55 -29.15 -26.44 -20.26
CA ILE D 55 -29.32 -27.30 -19.11
C ILE D 55 -29.75 -28.72 -19.44
N ALA D 56 -30.13 -29.01 -20.67
CA ALA D 56 -30.53 -30.36 -21.05
C ALA D 56 -29.30 -31.12 -21.44
N VAL D 57 -28.51 -30.67 -22.40
CA VAL D 57 -27.40 -31.52 -22.84
C VAL D 57 -26.25 -31.54 -21.83
N ASN D 58 -26.21 -32.64 -21.09
CA ASN D 58 -25.13 -32.84 -20.17
C ASN D 58 -24.12 -33.79 -20.76
N GLU D 59 -22.87 -33.47 -20.43
CA GLU D 59 -21.71 -34.23 -20.81
C GLU D 59 -20.66 -33.84 -19.80
N GLY D 60 -20.95 -34.01 -18.50
CA GLY D 60 -20.01 -33.65 -17.44
C GLY D 60 -19.58 -32.20 -17.35
N THR D 61 -20.29 -31.32 -18.06
CA THR D 61 -20.11 -29.87 -18.05
C THR D 61 -20.48 -29.23 -16.70
N GLU D 62 -21.64 -29.70 -16.23
CA GLU D 62 -22.31 -29.30 -15.01
C GLU D 62 -21.60 -29.72 -13.75
N GLN D 63 -21.92 -28.92 -12.73
CA GLN D 63 -21.51 -29.19 -11.36
C GLN D 63 -22.79 -28.97 -10.57
N PHE D 64 -23.18 -29.91 -9.72
CA PHE D 64 -24.33 -29.76 -8.86
C PHE D 64 -23.77 -29.74 -7.44
N ILE D 65 -23.90 -28.59 -6.78
CA ILE D 65 -23.37 -28.40 -5.44
C ILE D 65 -24.52 -28.01 -4.53
N ASP D 66 -24.69 -28.69 -3.40
CA ASP D 66 -25.76 -28.35 -2.50
C ASP D 66 -25.41 -27.15 -1.63
N SER D 67 -26.42 -26.41 -1.23
CA SER D 67 -26.30 -25.32 -0.28
C SER D 67 -26.03 -25.83 1.15
N VAL D 68 -25.15 -25.16 1.88
CA VAL D 68 -25.02 -25.43 3.30
C VAL D 68 -25.64 -24.26 4.11
N LYS D 69 -25.73 -23.02 3.59
CA LYS D 69 -26.37 -21.91 4.28
C LYS D 69 -27.14 -21.09 3.29
N VAL D 70 -28.32 -20.59 3.62
CA VAL D 70 -29.13 -19.76 2.73
C VAL D 70 -29.58 -18.62 3.65
N ILE D 71 -29.17 -17.39 3.32
CA ILE D 71 -29.36 -16.23 4.18
C ILE D 71 -30.12 -15.16 3.42
N MET D 72 -31.38 -14.97 3.76
CA MET D 72 -32.16 -13.89 3.18
C MET D 72 -31.74 -12.57 3.86
N HIS D 73 -32.00 -11.42 3.24
CA HIS D 73 -31.73 -10.14 3.86
C HIS D 73 -32.60 -10.09 5.12
N PRO D 74 -32.13 -9.60 6.28
CA PRO D 74 -32.93 -9.51 7.49
C PRO D 74 -34.18 -8.67 7.40
N SER D 75 -34.20 -7.66 6.52
CA SER D 75 -35.42 -6.86 6.32
C SER D 75 -36.20 -7.14 5.05
N TYR D 76 -36.02 -8.33 4.47
CA TYR D 76 -36.79 -8.67 3.27
C TYR D 76 -38.28 -8.58 3.61
N ASN D 77 -39.04 -7.93 2.76
CA ASN D 77 -40.48 -7.80 2.99
C ASN D 77 -41.20 -8.46 1.82
N SER D 78 -41.92 -9.54 2.04
CA SER D 78 -42.56 -10.20 0.91
C SER D 78 -43.79 -9.48 0.37
N ARG D 79 -44.35 -8.46 1.04
CA ARG D 79 -45.51 -7.78 0.49
C ARG D 79 -45.03 -6.90 -0.64
N ASN D 80 -43.96 -6.14 -0.46
CA ASN D 80 -43.56 -5.25 -1.53
C ASN D 80 -42.24 -5.61 -2.23
N LEU D 81 -41.62 -6.69 -1.77
CA LEU D 81 -40.34 -7.22 -2.23
C LEU D 81 -39.16 -6.29 -2.03
N ASP D 82 -39.25 -5.50 -0.97
CA ASP D 82 -38.13 -4.65 -0.62
C ASP D 82 -37.07 -5.56 -0.01
N ASN D 83 -35.82 -5.24 -0.39
CA ASN D 83 -34.62 -5.96 0.05
C ASN D 83 -34.70 -7.40 -0.42
N ASP D 84 -35.05 -7.56 -1.69
CA ASP D 84 -35.18 -8.87 -2.28
C ASP D 84 -33.83 -9.41 -2.70
N ILE D 85 -33.07 -9.88 -1.72
CA ILE D 85 -31.73 -10.42 -1.96
C ILE D 85 -31.40 -11.46 -0.91
N MET D 86 -30.65 -12.45 -1.37
CA MET D 86 -30.27 -13.59 -0.56
C MET D 86 -28.89 -14.09 -0.96
N LEU D 87 -28.12 -14.70 -0.06
CA LEU D 87 -26.83 -15.27 -0.37
C LEU D 87 -26.91 -16.75 -0.08
N ILE D 88 -26.30 -17.60 -0.89
CA ILE D 88 -26.29 -19.03 -0.70
C ILE D 88 -24.83 -19.46 -0.58
N LYS D 89 -24.49 -20.16 0.51
CA LYS D 89 -23.14 -20.67 0.68
C LYS D 89 -23.12 -22.11 0.17
N LEU D 90 -22.19 -22.44 -0.74
CA LEU D 90 -22.03 -23.78 -1.32
C LEU D 90 -21.29 -24.70 -0.35
N SER D 91 -21.71 -25.95 -0.26
CA SER D 91 -21.06 -26.87 0.66
C SER D 91 -19.66 -27.27 0.21
N LYS D 92 -19.25 -26.97 -1.02
CA LYS D 92 -17.90 -27.20 -1.49
C LYS D 92 -17.70 -26.15 -2.55
N PRO D 93 -16.48 -25.73 -2.84
CA PRO D 93 -16.20 -24.70 -3.83
C PRO D 93 -16.41 -25.22 -5.24
N ALA D 94 -16.90 -24.33 -6.09
CA ALA D 94 -17.10 -24.61 -7.48
C ALA D 94 -15.76 -24.63 -8.19
N SER D 95 -15.67 -25.45 -9.24
CA SER D 95 -14.54 -25.49 -10.12
C SER D 95 -14.78 -24.41 -11.15
N LEU D 96 -13.93 -23.41 -11.10
CA LEU D 96 -14.01 -22.29 -12.01
C LEU D 96 -13.21 -22.69 -13.23
N ASN D 97 -13.75 -22.39 -14.39
CA ASN D 97 -13.20 -22.89 -15.63
C ASN D 97 -13.87 -22.15 -16.76
N SER D 98 -13.64 -22.57 -18.00
CA SER D 98 -14.22 -21.97 -19.17
C SER D 98 -15.77 -21.85 -19.16
N TYR D 99 -16.48 -22.74 -18.44
CA TYR D 99 -17.93 -22.70 -18.35
C TYR D 99 -18.40 -21.87 -17.16
N VAL D 100 -17.67 -21.93 -16.03
CA VAL D 100 -18.03 -21.38 -14.71
C VAL D 100 -17.07 -20.28 -14.25
N SER D 101 -17.48 -19.03 -14.07
CA SER D 101 -16.64 -17.96 -13.56
C SER D 101 -17.38 -17.15 -12.47
N THR D 102 -16.75 -16.18 -11.80
CA THR D 102 -17.41 -15.35 -10.81
C THR D 102 -17.73 -13.96 -11.37
N VAL D 103 -18.57 -13.13 -10.77
CA VAL D 103 -18.85 -11.77 -11.21
C VAL D 103 -18.35 -10.95 -10.04
N ALA D 104 -17.86 -9.72 -10.23
CA ALA D 104 -17.47 -8.91 -9.08
C ALA D 104 -18.64 -8.14 -8.47
N LEU D 105 -18.55 -7.93 -7.16
CA LEU D 105 -19.50 -7.06 -6.45
C LEU D 105 -19.17 -5.61 -6.80
N PRO D 106 -20.14 -4.71 -7.02
CA PRO D 106 -19.91 -3.31 -7.34
C PRO D 106 -19.24 -2.48 -6.24
N SER D 107 -18.31 -1.56 -6.55
CA SER D 107 -17.80 -0.61 -5.57
C SER D 107 -18.51 0.75 -5.78
N SER D 108 -19.31 0.91 -6.83
CA SER D 108 -20.10 2.12 -7.06
C SER D 108 -21.41 1.72 -7.71
N CYS D 109 -22.48 2.51 -7.58
CA CYS D 109 -23.74 2.18 -8.26
C CYS D 109 -23.70 2.50 -9.74
N ALA D 110 -24.49 1.87 -10.60
CA ALA D 110 -24.40 2.21 -12.00
C ALA D 110 -25.36 3.36 -12.26
N SER D 111 -25.14 4.17 -13.28
CA SER D 111 -26.02 5.29 -13.55
C SER D 111 -27.07 4.97 -14.60
N SER D 112 -28.16 5.75 -14.69
CA SER D 112 -29.17 5.59 -15.74
C SER D 112 -28.48 5.56 -17.09
N GLY D 113 -28.90 4.71 -18.00
CA GLY D 113 -28.28 4.69 -19.30
C GLY D 113 -27.14 3.71 -19.32
N THR D 114 -26.54 3.22 -18.24
CA THR D 114 -25.52 2.20 -18.38
C THR D 114 -26.20 1.00 -19.04
N ARG D 115 -25.48 0.35 -19.96
CA ARG D 115 -26.04 -0.80 -20.61
C ARG D 115 -25.54 -2.00 -19.84
N CYS D 116 -26.43 -2.97 -19.67
CA CYS D 116 -26.18 -4.13 -18.84
C CYS D 116 -26.69 -5.38 -19.52
N LEU D 117 -26.43 -6.52 -18.92
CA LEU D 117 -26.87 -7.78 -19.48
C LEU D 117 -27.63 -8.55 -18.41
N VAL D 118 -28.84 -9.02 -18.77
CA VAL D 118 -29.63 -9.90 -17.92
C VAL D 118 -29.57 -11.27 -18.58
N SER D 119 -29.65 -12.32 -17.79
CA SER D 119 -29.74 -13.63 -18.38
C SER D 119 -30.61 -14.58 -17.56
N GLY D 120 -31.13 -15.64 -18.16
CA GLY D 120 -31.86 -16.62 -17.42
C GLY D 120 -32.53 -17.63 -18.33
N TRP D 121 -33.09 -18.65 -17.68
CA TRP D 121 -33.86 -19.74 -18.31
C TRP D 121 -35.36 -19.55 -18.05
N GLY D 122 -35.82 -18.32 -17.79
CA GLY D 122 -37.23 -18.07 -17.58
C GLY D 122 -38.06 -18.05 -18.86
N ASN D 123 -39.29 -17.70 -18.69
CA ASN D 123 -40.26 -17.64 -19.74
C ASN D 123 -39.88 -16.71 -20.89
N LEU D 124 -40.02 -17.32 -22.08
CA LEU D 124 -39.79 -16.65 -23.34
C LEU D 124 -40.97 -15.78 -23.76
N SER D 125 -42.16 -15.91 -23.16
CA SER D 125 -43.35 -15.22 -23.59
C SER D 125 -44.04 -14.47 -22.47
N GLY D 126 -44.63 -13.35 -22.85
CA GLY D 126 -45.48 -12.57 -21.98
C GLY D 126 -46.94 -13.04 -22.02
N SER D 127 -47.28 -13.97 -22.93
CA SER D 127 -48.63 -14.53 -23.10
C SER D 127 -48.66 -16.01 -22.74
N SER D 128 -47.83 -16.86 -23.34
CA SER D 128 -47.81 -18.29 -23.07
C SER D 128 -46.77 -18.62 -22.00
N SER D 129 -46.62 -19.89 -21.64
CA SER D 129 -45.49 -20.32 -20.83
C SER D 129 -44.66 -21.18 -21.77
N ASN D 130 -43.45 -20.80 -22.12
CA ASN D 130 -42.60 -21.62 -22.96
C ASN D 130 -41.19 -21.33 -22.47
N TYR D 131 -40.50 -22.38 -22.02
CA TYR D 131 -39.22 -22.23 -21.32
C TYR D 131 -38.07 -22.81 -22.12
N PRO D 132 -36.90 -22.15 -22.17
CA PRO D 132 -35.78 -22.64 -22.95
C PRO D 132 -34.88 -23.63 -22.26
N ASP D 133 -34.20 -24.53 -22.96
CA ASP D 133 -33.16 -25.29 -22.32
C ASP D 133 -31.86 -24.52 -22.40
N THR D 134 -31.74 -23.57 -23.32
CA THR D 134 -30.51 -22.82 -23.48
C THR D 134 -30.71 -21.43 -22.90
N LEU D 135 -29.76 -21.05 -22.05
CA LEU D 135 -29.71 -19.77 -21.38
C LEU D 135 -29.88 -18.64 -22.37
N ARG D 136 -30.78 -17.72 -22.05
CA ARG D 136 -31.02 -16.55 -22.90
C ARG D 136 -30.39 -15.31 -22.30
N CYS D 137 -30.05 -14.35 -23.14
CA CYS D 137 -29.43 -13.09 -22.78
C CYS D 137 -30.21 -11.91 -23.34
N LEU D 138 -30.21 -10.77 -22.66
CA LEU D 138 -30.85 -9.56 -23.15
C LEU D 138 -29.96 -8.38 -22.77
N ASP D 139 -29.66 -7.47 -23.68
CA ASP D 139 -28.91 -6.27 -23.37
C ASP D 139 -29.94 -5.23 -23.00
N LEU D 140 -29.81 -4.52 -21.89
CA LEU D 140 -30.81 -3.56 -21.50
C LEU D 140 -30.19 -2.39 -20.72
N PRO D 141 -30.76 -1.20 -20.79
CA PRO D 141 -30.28 -0.08 -20.02
C PRO D 141 -30.98 0.09 -18.69
N ILE D 142 -30.20 0.67 -17.78
CA ILE D 142 -30.80 1.12 -16.53
C ILE D 142 -31.65 2.36 -16.84
N LEU D 143 -32.90 2.42 -16.40
CA LEU D 143 -33.79 3.54 -16.62
C LEU D 143 -33.66 4.53 -15.49
N SER D 144 -34.14 5.74 -15.72
CA SER D 144 -34.01 6.79 -14.73
C SER D 144 -35.06 6.58 -13.68
N SER D 145 -34.82 7.10 -12.49
CA SER D 145 -35.76 7.01 -11.41
C SER D 145 -37.13 7.57 -11.74
N SER D 146 -37.18 8.63 -12.52
CA SER D 146 -38.42 9.27 -12.91
C SER D 146 -39.19 8.32 -13.78
N SER D 147 -38.62 7.72 -14.82
CA SER D 147 -39.36 6.72 -15.60
C SER D 147 -39.83 5.55 -14.73
N CYS D 148 -38.97 5.07 -13.82
CA CYS D 148 -39.31 3.93 -12.99
C CYS D 148 -40.48 4.27 -12.09
N ASN D 149 -40.43 5.44 -11.49
CA ASN D 149 -41.49 5.88 -10.61
C ASN D 149 -42.76 6.22 -11.35
N SER D 150 -42.66 6.65 -12.60
CA SER D 150 -43.83 6.85 -13.43
C SER D 150 -44.48 5.51 -13.73
N ALA D 151 -43.67 4.50 -14.03
CA ALA D 151 -44.19 3.19 -14.34
C ALA D 151 -44.83 2.54 -13.12
N TYR D 152 -44.31 2.67 -11.89
CA TYR D 152 -44.89 2.01 -10.74
C TYR D 152 -45.07 2.95 -9.55
N PRO D 153 -46.03 3.87 -9.60
CA PRO D 153 -46.23 4.89 -8.59
C PRO D 153 -46.48 4.31 -7.20
N GLY D 154 -45.58 4.69 -6.30
CA GLY D 154 -45.71 4.30 -4.90
C GLY D 154 -45.24 2.89 -4.67
N GLN D 155 -44.55 2.28 -5.63
CA GLN D 155 -44.09 0.92 -5.45
C GLN D 155 -42.58 0.74 -5.55
N ILE D 156 -41.79 1.76 -5.85
CA ILE D 156 -40.36 1.62 -6.00
C ILE D 156 -39.75 2.14 -4.71
N THR D 157 -38.91 1.34 -4.05
CA THR D 157 -38.19 1.82 -2.87
C THR D 157 -36.81 2.21 -3.38
N SER D 158 -35.95 2.74 -2.52
CA SER D 158 -34.58 3.08 -2.90
C SER D 158 -33.75 1.84 -3.16
N ASN D 159 -34.27 0.66 -2.85
CA ASN D 159 -33.52 -0.59 -3.06
C ASN D 159 -33.89 -1.29 -4.35
N MET D 160 -34.52 -0.55 -5.26
CA MET D 160 -35.04 -1.05 -6.52
C MET D 160 -34.65 -0.13 -7.64
N PHE D 161 -34.49 -0.64 -8.85
CA PHE D 161 -34.31 0.23 -10.02
C PHE D 161 -35.03 -0.48 -11.14
N CYS D 162 -35.39 0.26 -12.18
CA CYS D 162 -36.03 -0.28 -13.37
C CYS D 162 -35.01 -0.42 -14.47
N ALA D 163 -35.15 -1.40 -15.35
CA ALA D 163 -34.25 -1.56 -16.46
C ALA D 163 -35.09 -2.22 -17.52
N GLY D 164 -34.74 -1.95 -18.77
CA GLY D 164 -35.50 -2.48 -19.90
C GLY D 164 -35.96 -1.38 -20.84
N PHE D 165 -37.18 -1.55 -21.37
CA PHE D 165 -37.69 -0.71 -22.46
C PHE D 165 -39.10 -0.30 -22.17
N MET D 166 -39.38 0.99 -22.20
CA MET D 166 -40.73 1.48 -21.90
C MET D 166 -41.70 1.15 -23.03
N GLU D 167 -41.19 0.79 -24.21
CA GLU D 167 -42.07 0.42 -25.30
C GLU D 167 -42.50 -1.03 -25.14
N GLY D 168 -41.82 -1.80 -24.29
CA GLY D 168 -42.18 -3.18 -24.09
C GLY D 168 -41.39 -4.01 -25.08
N GLY D 169 -41.83 -5.25 -25.30
CA GLY D 169 -41.19 -6.14 -26.26
C GLY D 169 -40.01 -6.98 -25.78
N LYS D 170 -39.18 -6.45 -24.88
CA LYS D 170 -38.02 -7.17 -24.40
C LYS D 170 -37.96 -6.98 -22.88
N ASP D 171 -37.76 -8.06 -22.12
CA ASP D 171 -37.82 -7.97 -20.66
C ASP D 171 -37.39 -9.31 -20.06
N SER D 172 -37.06 -9.34 -18.75
CA SER D 172 -36.86 -10.62 -18.05
C SER D 172 -38.29 -11.09 -17.73
N CYS D 173 -38.48 -12.29 -17.19
CA CYS D 173 -39.84 -12.76 -16.98
C CYS D 173 -39.84 -13.82 -15.90
N GLN D 174 -40.99 -14.42 -15.59
CA GLN D 174 -41.07 -15.50 -14.59
C GLN D 174 -40.04 -16.59 -14.87
N GLY D 175 -39.35 -17.04 -13.81
CA GLY D 175 -38.29 -18.03 -13.91
C GLY D 175 -36.93 -17.37 -14.05
N ASP D 176 -36.87 -16.09 -14.34
CA ASP D 176 -35.61 -15.37 -14.39
C ASP D 176 -35.26 -14.78 -13.02
N SER D 177 -36.21 -14.70 -12.09
CA SER D 177 -35.98 -14.15 -10.77
C SER D 177 -34.74 -14.69 -10.06
N GLY D 178 -33.98 -13.78 -9.44
CA GLY D 178 -32.75 -14.13 -8.77
C GLY D 178 -31.55 -14.02 -9.67
N GLY D 179 -31.78 -13.90 -10.98
CA GLY D 179 -30.71 -13.87 -11.97
C GLY D 179 -29.94 -12.56 -12.03
N PRO D 180 -28.74 -12.55 -12.62
CA PRO D 180 -27.82 -11.40 -12.70
C PRO D 180 -28.12 -10.26 -13.68
N VAL D 181 -27.93 -9.00 -13.29
CA VAL D 181 -27.92 -7.86 -14.23
C VAL D 181 -26.50 -7.33 -14.04
N VAL D 182 -25.65 -7.53 -15.04
CA VAL D 182 -24.24 -7.22 -14.90
C VAL D 182 -23.89 -6.07 -15.84
N CYS D 183 -23.20 -5.06 -15.30
CA CYS D 183 -22.88 -3.87 -16.06
C CYS D 183 -21.39 -3.69 -15.84
N ASN D 184 -20.57 -3.73 -16.89
CA ASN D 184 -19.12 -3.54 -16.85
C ASN D 184 -18.37 -4.43 -15.88
N GLY D 185 -18.67 -5.73 -16.04
CA GLY D 185 -18.10 -6.79 -15.22
C GLY D 185 -18.55 -6.73 -13.76
N GLN D 186 -19.61 -6.03 -13.38
CA GLN D 186 -20.05 -5.96 -11.98
C GLN D 186 -21.52 -6.27 -11.84
N LEU D 187 -21.85 -7.01 -10.77
CA LEU D 187 -23.23 -7.32 -10.47
C LEU D 187 -23.98 -6.09 -9.94
N GLN D 188 -24.86 -5.52 -10.75
CA GLN D 188 -25.64 -4.36 -10.31
C GLN D 188 -27.08 -4.69 -9.96
N GLY D 189 -27.71 -5.72 -10.49
CA GLY D 189 -29.11 -5.98 -10.15
C GLY D 189 -29.39 -7.47 -9.98
N VAL D 190 -30.47 -7.78 -9.32
CA VAL D 190 -30.91 -9.16 -9.19
C VAL D 190 -32.30 -9.08 -9.79
N VAL D 191 -32.72 -9.96 -10.69
CA VAL D 191 -34.08 -9.93 -11.25
C VAL D 191 -35.13 -10.11 -10.12
N SER D 192 -36.07 -9.19 -9.97
CA SER D 192 -36.96 -9.21 -8.82
C SER D 192 -38.43 -9.29 -9.18
N TRP D 193 -39.03 -8.32 -9.90
CA TRP D 193 -40.45 -8.39 -10.21
C TRP D 193 -40.79 -7.46 -11.36
N GLY D 194 -42.05 -7.43 -11.76
CA GLY D 194 -42.54 -6.54 -12.81
C GLY D 194 -44.02 -6.84 -13.04
N TYR D 195 -44.79 -6.05 -13.79
CA TYR D 195 -46.20 -6.32 -14.10
C TYR D 195 -46.21 -7.00 -15.44
N GLY D 196 -46.50 -8.30 -15.43
CA GLY D 196 -46.46 -9.13 -16.61
C GLY D 196 -45.00 -9.21 -17.07
N CYS D 197 -44.80 -9.33 -18.36
CA CYS D 197 -43.49 -9.33 -18.93
C CYS D 197 -43.60 -8.65 -20.28
N ALA D 198 -42.69 -7.71 -20.54
CA ALA D 198 -42.50 -7.05 -21.81
C ALA D 198 -43.69 -6.18 -22.19
N GLN D 199 -44.48 -5.76 -21.21
CA GLN D 199 -45.57 -4.84 -21.49
C GLN D 199 -45.08 -3.38 -21.55
N ARG D 200 -45.84 -2.59 -22.31
CA ARG D 200 -45.47 -1.21 -22.51
C ARG D 200 -45.68 -0.51 -21.19
N ASN D 201 -44.69 0.29 -20.86
CA ASN D 201 -44.63 1.08 -19.64
C ASN D 201 -44.58 0.27 -18.38
N LYS D 202 -44.26 -1.03 -18.46
CA LYS D 202 -44.05 -1.84 -17.27
C LYS D 202 -42.68 -2.53 -17.39
N PRO D 203 -41.56 -1.80 -17.23
CA PRO D 203 -40.21 -2.36 -17.26
C PRO D 203 -39.96 -3.32 -16.09
N GLY D 204 -38.91 -4.13 -16.14
CA GLY D 204 -38.55 -4.99 -15.01
C GLY D 204 -37.91 -4.15 -13.89
N VAL D 205 -38.16 -4.56 -12.65
CA VAL D 205 -37.68 -3.93 -11.44
C VAL D 205 -36.68 -4.93 -10.87
N TYR D 206 -35.55 -4.40 -10.41
CA TYR D 206 -34.38 -5.16 -10.04
C TYR D 206 -33.88 -4.71 -8.67
N THR D 207 -33.33 -5.62 -7.86
CA THR D 207 -32.81 -5.24 -6.55
C THR D 207 -31.53 -4.49 -6.83
N LYS D 208 -31.38 -3.30 -6.23
CA LYS D 208 -30.20 -2.47 -6.43
C LYS D 208 -29.04 -2.98 -5.57
N VAL D 209 -28.18 -3.83 -6.14
CA VAL D 209 -27.14 -4.53 -5.39
C VAL D 209 -26.10 -3.60 -4.78
N CYS D 210 -25.82 -2.44 -5.37
CA CYS D 210 -24.80 -1.57 -4.80
C CYS D 210 -25.25 -1.06 -3.44
N ASN D 211 -26.54 -1.08 -3.05
CA ASN D 211 -26.97 -0.68 -1.71
C ASN D 211 -26.63 -1.74 -0.67
N TYR D 212 -26.19 -2.93 -1.09
CA TYR D 212 -25.94 -4.05 -0.18
C TYR D 212 -24.49 -4.47 -0.07
N ARG D 213 -23.54 -3.68 -0.60
CA ARG D 213 -22.14 -4.07 -0.61
C ARG D 213 -21.62 -4.39 0.79
N SER D 214 -21.99 -3.59 1.81
CA SER D 214 -21.54 -3.89 3.17
C SER D 214 -22.27 -5.11 3.71
N TRP D 215 -23.61 -5.25 3.56
CA TRP D 215 -24.29 -6.43 4.07
C TRP D 215 -23.74 -7.68 3.41
N ILE D 216 -23.53 -7.71 2.09
CA ILE D 216 -22.95 -8.89 1.43
C ILE D 216 -21.55 -9.21 1.96
N SER D 217 -20.66 -8.22 2.03
CA SER D 217 -19.32 -8.44 2.54
C SER D 217 -19.29 -8.98 3.96
N SER D 218 -20.07 -8.41 4.88
CA SER D 218 -20.17 -8.88 6.27
C SER D 218 -20.78 -10.24 6.36
N THR D 219 -21.86 -10.54 5.60
CA THR D 219 -22.43 -11.85 5.71
C THR D 219 -21.47 -12.90 5.16
N MET D 220 -20.78 -12.69 4.04
CA MET D 220 -19.79 -13.63 3.55
C MET D 220 -18.63 -13.79 4.51
N SER D 221 -18.16 -12.69 5.11
CA SER D 221 -17.04 -12.72 6.05
C SER D 221 -17.31 -13.48 7.33
N SER D 222 -18.54 -13.41 7.79
CA SER D 222 -18.91 -14.00 9.05
C SER D 222 -19.55 -15.36 8.94
N ASN D 223 -19.67 -16.01 7.80
CA ASN D 223 -20.39 -17.28 7.73
C ASN D 223 -19.59 -18.27 6.89
CA CA E . -6.61 -13.55 24.07
S SO4 F . -0.37 -4.92 5.78
O1 SO4 F . -0.34 -4.54 4.41
O2 SO4 F . 0.94 -4.85 6.35
O3 SO4 F . -1.23 -4.06 6.50
O4 SO4 F . -0.89 -6.23 5.92
S SO4 G . -14.90 -14.25 14.94
O1 SO4 G . -14.88 -14.40 16.36
O2 SO4 G . -13.63 -14.62 14.40
O3 SO4 G . -15.89 -15.12 14.38
O4 SO4 G . -15.16 -12.87 14.61
C1 BEN H . -2.27 -9.73 0.53
C2 BEN H . -2.65 -8.40 0.37
C3 BEN H . -2.18 -7.43 1.25
C4 BEN H . -1.33 -7.77 2.30
C5 BEN H . -0.95 -9.09 2.47
C6 BEN H . -1.42 -10.05 1.59
C BEN H . -2.78 -10.74 -0.31
N1 BEN H . -2.45 -12.00 -0.11
N2 BEN H . -3.71 -10.52 -1.22
S SO4 I . 16.78 15.86 10.33
O1 SO4 I . 16.44 16.10 11.71
O2 SO4 I . 16.79 14.46 10.10
O3 SO4 I . 15.79 16.44 9.48
O4 SO4 I . 18.07 16.38 10.02
S SO4 J . 26.91 28.21 -0.83
O1 SO4 J . 27.36 27.10 -0.10
O2 SO4 J . 26.87 29.34 0.03
O3 SO4 J . 27.83 28.43 -1.91
O4 SO4 J . 25.59 27.95 -1.34
C1 BEN K . 20.03 19.48 15.41
C2 BEN K . 18.65 19.66 15.15
C3 BEN K . 17.97 18.82 14.28
C4 BEN K . 18.63 17.77 13.63
C5 BEN K . 19.99 17.59 13.87
C6 BEN K . 20.68 18.43 14.75
C BEN K . 20.73 20.35 16.27
N1 BEN K . 22.03 20.22 16.52
N2 BEN K . 20.13 21.40 16.86
S SO4 L . 3.82 4.82 -3.89
O1 SO4 L . 2.89 4.17 -4.75
O2 SO4 L . 3.17 5.25 -2.72
O3 SO4 L . 4.84 3.87 -3.58
O4 SO4 L . 4.42 5.97 -4.47
S SO4 M . 17.61 12.40 -15.38
O1 SO4 M . 17.91 11.24 -14.59
O2 SO4 M . 16.25 12.78 -15.19
O3 SO4 M . 18.45 13.51 -15.01
O4 SO4 M . 17.79 12.12 -16.77
C1 BEN N . 0.81 3.79 -10.32
C2 BEN N . 1.34 2.71 -9.59
C3 BEN N . 1.77 2.89 -8.29
C4 BEN N . 1.67 4.14 -7.68
C5 BEN N . 1.15 5.23 -8.38
C6 BEN N . 0.72 5.05 -9.70
C BEN N . 0.41 3.63 -11.66
N1 BEN N . -0.16 4.65 -12.30
N2 BEN N . 0.58 2.47 -12.31
S SO4 O . -41.08 -15.53 -10.50
O1 SO4 O . -42.06 -14.81 -11.25
O2 SO4 O . -40.75 -14.74 -9.37
O3 SO4 O . -41.66 -16.74 -10.06
O4 SO4 O . -39.91 -15.83 -11.24
S SO4 P . -34.18 -23.99 -26.50
O1 SO4 P . -33.32 -24.88 -27.24
O2 SO4 P . -33.36 -23.16 -25.69
O3 SO4 P . -34.92 -23.14 -27.38
O4 SO4 P . -35.10 -24.76 -25.73
S SO4 Q . -30.05 -32.54 4.16
O1 SO4 Q . -31.45 -32.25 4.12
O2 SO4 Q . -29.27 -31.36 4.32
O3 SO4 Q . -29.58 -33.10 2.93
O4 SO4 Q . -29.81 -33.42 5.27
S SO4 R . -38.57 -25.19 2.10
O1 SO4 R . -37.97 -24.22 2.98
O2 SO4 R . -39.58 -25.90 2.78
O3 SO4 R . -39.17 -24.53 0.97
O4 SO4 R . -37.57 -26.09 1.62
C1 BEN S . -40.48 -9.92 -14.32
C2 BEN S . -41.73 -10.50 -14.04
C3 BEN S . -41.82 -11.56 -13.12
C4 BEN S . -40.69 -12.06 -12.49
C5 BEN S . -39.45 -11.49 -12.75
C6 BEN S . -39.35 -10.44 -13.66
C BEN S . -40.35 -8.90 -15.26
N1 BEN S . -39.16 -8.33 -15.51
N2 BEN S . -41.41 -8.40 -15.91
#